data_5EZN
#
_entry.id   5EZN
#
_cell.length_a   46.240
_cell.length_b   78.500
_cell.length_c   97.040
_cell.angle_alpha   90.000
_cell.angle_beta   94.850
_cell.angle_gamma   90.000
#
_symmetry.space_group_name_H-M   'P 1 21 1'
#
loop_
_entity.id
_entity.type
_entity.pdbx_description
1 polymer 'Cysteine-rich protective antigen'
2 polymer 'Cysteine-rich protective antigen'
3 polymer 'Cysteine-rich protective antigen'
4 polymer 'Cysteine-rich protective antigen'
5 water water
#
loop_
_entity_poly.entity_id
_entity_poly.type
_entity_poly.pdbx_seq_one_letter_code
_entity_poly.pdbx_strand_id
1 'polypeptide(L)'
;HVFIRTELSFIKNNVPCIRDMFFIYKRELYNICLDDLKGEEDETHIYVQKKVKDSWITLNDLFKETDLTGRPHIFAYVDV
EEIIILLCEDEEFSNRKKDMTCHRFYSNDGKEYQNSEITISDYILKDKLLSSYVSLPLKIENREYFLICGVSPYKFK
;
A
2 'polypeptide(L)'
;DDNKKDDILCMASHDKGETWGTKIVIKYDNYKLGVQYFFLRPYISKNDLSFHFYVGDNINNVKNVNFIECTHEKDLEFVC
SNRDFLKDNKVLQDVSTLNDEYIVSYGNDNNFAECYIFFNNENSILIKPEKYGQTTAGCYGGTFVKIDEQRTLFIYSSSQ
GIYNIHTIYYANYEEF
;
E
3 'polypeptide(L)'
;HVFIRTELSFIKNNVPCIRDMFFIYKRELYNICLDDLKGEEDETHIYVQKKVKDSWITLNDLFKETDLTGRPHIFAYVDV
EEIIILLCEDDEFSNRKKDMTCHRFYSNDGKEYQNSEITISDYILKDKLLSSYVSLPLKIENREYFLICGVSPYKFKDDN
K
;
B
4 'polypeptide(L)'
;KDDILCMASHDKGETWGTKIVIKYDNYKLGVQYFFLRPYISKNDLSFHFYVGDNINNVKNVNFIECTHEKDLEFVCSNRD
FLKDNKVLQDVSTLNDEYIVSYGNDNNFAECYIFFNNENSILIKPEKYGNTTAGCYGGTFVKIDEQRTLFIYSSSQGIYN
IHTIYYANYE
;
G
#
# COMPACT_ATOMS: atom_id res chain seq x y z
N HIS A 1 8.21 12.74 36.05
CA HIS A 1 8.51 13.55 34.86
C HIS A 1 7.90 13.05 33.53
N VAL A 2 8.45 12.00 32.91
CA VAL A 2 7.92 11.53 31.62
C VAL A 2 7.17 10.22 31.77
N PHE A 3 6.04 10.12 31.09
CA PHE A 3 5.29 8.88 30.98
C PHE A 3 4.85 8.72 29.52
N ILE A 4 5.23 7.62 28.88
CA ILE A 4 4.85 7.34 27.50
C ILE A 4 4.37 5.90 27.40
N ARG A 5 3.23 5.69 26.71
CA ARG A 5 2.59 4.38 26.58
C ARG A 5 2.04 4.19 25.17
N THR A 6 2.21 2.98 24.60
CA THR A 6 1.74 2.66 23.26
C THR A 6 1.00 1.33 23.23
N GLU A 7 -0.18 1.31 22.59
CA GLU A 7 -0.93 0.08 22.31
C GLU A 7 -1.30 0.03 20.83
N LEU A 8 -1.53 -1.19 20.33
CA LEU A 8 -1.89 -1.40 18.93
C LEU A 8 -3.16 -2.23 18.83
N SER A 9 -4.21 -1.66 18.25
CA SER A 9 -5.42 -2.39 17.89
C SER A 9 -5.62 -2.33 16.40
N PHE A 10 -6.33 -3.31 15.87
CA PHE A 10 -6.62 -3.38 14.45
C PHE A 10 -8.11 -3.18 14.22
N ILE A 11 -8.44 -2.56 13.08
CA ILE A 11 -9.83 -2.44 12.66
C ILE A 11 -9.94 -2.81 11.20
N LYS A 12 -10.96 -3.62 10.87
CA LYS A 12 -11.33 -3.90 9.49
C LYS A 12 -12.58 -3.11 9.10
N ASN A 13 -12.62 -2.71 7.84
CA ASN A 13 -13.71 -1.90 7.29
C ASN A 13 -14.36 -2.68 6.17
N ASN A 14 -15.70 -2.73 6.17
CA ASN A 14 -16.42 -3.30 5.04
C ASN A 14 -16.01 -2.62 3.75
N VAL A 15 -15.86 -1.30 3.81
CA VAL A 15 -15.79 -0.46 2.61
C VAL A 15 -14.33 -0.11 2.34
N PRO A 16 -13.83 -0.32 1.13
CA PRO A 16 -12.52 0.22 0.76
C PRO A 16 -12.64 1.70 0.45
N CYS A 17 -12.27 2.54 1.40
CA CYS A 17 -12.52 3.96 1.28
C CYS A 17 -11.44 4.64 0.46
N ILE A 18 -11.85 5.45 -0.52
CA ILE A 18 -10.90 6.27 -1.25
C ILE A 18 -10.19 7.24 -0.32
N ARG A 19 -10.94 7.88 0.58
CA ARG A 19 -10.39 8.83 1.53
C ARG A 19 -11.03 8.60 2.88
N ASP A 20 -10.21 8.37 3.90
CA ASP A 20 -10.67 8.29 5.27
C ASP A 20 -10.70 9.66 5.92
N MET A 21 -11.58 9.81 6.91
CA MET A 21 -11.71 11.05 7.65
C MET A 21 -12.13 10.70 9.07
N PHE A 22 -11.28 10.98 10.05
CA PHE A 22 -11.45 10.47 11.41
C PHE A 22 -11.87 11.57 12.37
N PHE A 23 -12.85 11.28 13.23
CA PHE A 23 -13.12 12.19 14.35
C PHE A 23 -13.49 11.41 15.59
N ILE A 24 -13.16 11.98 16.74
CA ILE A 24 -13.58 11.46 18.03
C ILE A 24 -14.87 12.18 18.42
N TYR A 25 -15.88 11.41 18.83
CA TYR A 25 -17.12 11.98 19.36
C TYR A 25 -17.57 11.16 20.56
N LYS A 26 -17.66 11.83 21.71
CA LYS A 26 -17.95 11.16 22.97
C LYS A 26 -17.01 9.97 23.18
N ARG A 27 -15.73 10.20 22.90
CA ARG A 27 -14.67 9.20 23.04
C ARG A 27 -14.98 7.89 22.30
N GLU A 28 -16.06 7.87 21.52
CA GLU A 28 -16.13 6.90 20.45
C GLU A 28 -15.31 7.42 19.27
N LEU A 29 -14.95 6.52 18.38
CA LEU A 29 -14.20 6.88 17.17
C LEU A 29 -15.12 6.73 15.97
N TYR A 30 -15.13 7.75 15.12
CA TYR A 30 -16.01 7.77 13.97
C TYR A 30 -15.19 8.08 12.73
N ASN A 31 -15.68 7.57 11.60
CA ASN A 31 -15.05 7.76 10.32
C ASN A 31 -16.07 8.28 9.33
N ILE A 32 -15.58 9.04 8.36
CA ILE A 32 -16.35 9.43 7.19
C ILE A 32 -15.65 8.78 6.01
N CYS A 33 -16.24 7.69 5.51
CA CYS A 33 -15.67 6.89 4.45
C CYS A 33 -16.26 7.28 3.09
N LEU A 34 -15.46 7.03 2.05
CA LEU A 34 -15.82 7.42 0.68
C LEU A 34 -15.42 6.29 -0.26
N ASP A 35 -16.41 5.63 -0.85
CA ASP A 35 -16.17 4.61 -1.87
C ASP A 35 -16.53 5.16 -3.25
N ASP A 36 -16.03 4.50 -4.27
CA ASP A 36 -16.22 4.96 -5.62
C ASP A 36 -15.92 3.88 -6.64
N ASP A 42 -19.53 4.83 -11.98
CA ASP A 42 -19.93 3.56 -11.38
C ASP A 42 -20.97 3.77 -10.27
N GLU A 43 -20.48 4.05 -9.06
CA GLU A 43 -21.33 4.14 -7.88
C GLU A 43 -20.52 4.73 -6.73
N THR A 44 -21.16 5.53 -5.88
CA THR A 44 -20.46 6.24 -4.81
C THR A 44 -21.34 6.40 -3.59
N HIS A 45 -20.69 6.58 -2.43
CA HIS A 45 -21.37 6.80 -1.16
C HIS A 45 -20.49 7.64 -0.25
N ILE A 46 -21.10 8.16 0.83
CA ILE A 46 -20.39 8.89 1.87
C ILE A 46 -20.87 8.38 3.22
N TYR A 47 -20.24 7.31 3.71
CA TYR A 47 -20.73 6.59 4.87
C TYR A 47 -20.17 7.18 6.16
N VAL A 48 -21.05 7.37 7.14
CA VAL A 48 -20.67 7.69 8.52
C VAL A 48 -20.62 6.39 9.30
N GLN A 49 -19.43 6.11 9.85
CA GLN A 49 -19.09 4.86 10.49
C GLN A 49 -18.60 5.09 11.92
N LYS A 50 -18.62 4.02 12.71
CA LYS A 50 -18.22 4.06 14.10
C LYS A 50 -17.48 2.79 14.47
N LYS A 51 -16.37 2.94 15.17
CA LYS A 51 -15.66 1.79 15.74
C LYS A 51 -16.36 1.37 17.03
N VAL A 52 -17.12 0.28 16.95
CA VAL A 52 -17.30 -0.57 18.11
C VAL A 52 -16.36 -1.73 17.90
N LYS A 53 -15.67 -2.11 18.97
CA LYS A 53 -14.31 -2.62 18.88
C LYS A 53 -14.16 -3.66 17.78
N ASP A 54 -13.07 -3.49 17.01
CA ASP A 54 -12.56 -4.38 15.98
C ASP A 54 -13.12 -4.08 14.59
N SER A 55 -14.27 -3.43 14.53
CA SER A 55 -14.87 -3.22 13.22
C SER A 55 -15.56 -1.86 13.17
N TRP A 56 -15.49 -1.23 12.00
CA TRP A 56 -16.31 -0.07 11.69
C TRP A 56 -17.73 -0.52 11.39
N ILE A 57 -18.68 0.39 11.62
CA ILE A 57 -20.10 0.08 11.41
C ILE A 57 -20.75 1.24 10.68
N THR A 58 -21.20 0.99 9.45
CA THR A 58 -21.89 2.02 8.70
C THR A 58 -23.11 2.48 9.50
N LEU A 59 -23.14 3.77 9.83
CA LEU A 59 -24.31 4.35 10.49
C LEU A 59 -25.17 5.17 9.55
N ASN A 60 -24.59 5.89 8.60
CA ASN A 60 -25.43 6.68 7.69
C ASN A 60 -24.82 6.73 6.30
N ASP A 61 -25.66 6.99 5.30
CA ASP A 61 -25.19 7.41 3.98
C ASP A 61 -25.75 8.80 3.73
N LEU A 62 -24.88 9.80 3.82
CA LEU A 62 -25.28 11.18 3.60
C LEU A 62 -25.40 11.51 2.12
N PHE A 63 -24.74 10.73 1.26
CA PHE A 63 -24.84 10.97 -0.18
C PHE A 63 -26.26 10.81 -0.66
N LYS A 64 -27.00 9.85 -0.08
CA LYS A 64 -28.36 9.56 -0.51
C LYS A 64 -29.24 10.81 -0.46
N GLU A 65 -29.31 11.47 0.70
CA GLU A 65 -30.21 12.60 0.89
C GLU A 65 -29.73 13.87 0.19
N THR A 66 -29.19 13.75 -1.03
CA THR A 66 -28.62 14.89 -1.75
C THR A 66 -28.97 14.83 -3.22
N ASP A 67 -29.17 16.01 -3.82
CA ASP A 67 -29.09 16.18 -5.26
C ASP A 67 -27.67 16.64 -5.59
N LEU A 68 -26.77 15.65 -5.68
CA LEU A 68 -25.32 15.89 -5.76
C LEU A 68 -24.74 15.05 -6.88
N THR A 69 -24.20 15.70 -7.92
CA THR A 69 -23.84 15.04 -9.17
C THR A 69 -22.47 14.39 -9.13
N GLY A 70 -21.50 15.00 -8.48
CA GLY A 70 -20.15 14.48 -8.49
C GLY A 70 -19.65 14.11 -7.11
N ARG A 71 -18.37 14.37 -6.85
CA ARG A 71 -17.75 14.06 -5.57
C ARG A 71 -17.51 15.34 -4.78
N PRO A 72 -18.16 15.54 -3.64
CA PRO A 72 -18.03 16.81 -2.92
C PRO A 72 -16.82 16.88 -2.01
N HIS A 73 -16.35 18.11 -1.81
CA HIS A 73 -15.59 18.43 -0.62
C HIS A 73 -16.41 18.14 0.63
N ILE A 74 -15.74 17.76 1.71
CA ILE A 74 -16.39 17.44 2.96
C ILE A 74 -15.74 18.24 4.07
N PHE A 75 -16.54 18.96 4.83
CA PHE A 75 -16.01 19.74 5.94
C PHE A 75 -16.80 19.34 7.17
N ALA A 76 -16.14 18.60 8.06
CA ALA A 76 -16.77 18.12 9.28
C ALA A 76 -16.30 18.96 10.45
N TYR A 77 -17.21 19.21 11.39
CA TYR A 77 -16.89 20.00 12.57
C TYR A 77 -17.49 19.31 13.78
N VAL A 78 -16.68 19.14 14.84
CA VAL A 78 -17.17 18.48 16.06
C VAL A 78 -17.01 19.44 17.23
N ASP A 79 -18.10 20.15 17.55
CA ASP A 79 -18.34 20.66 18.89
C ASP A 79 -18.54 19.47 19.83
N VAL A 80 -18.54 19.73 21.14
CA VAL A 80 -18.65 18.62 22.08
C VAL A 80 -20.00 17.92 21.93
N GLU A 81 -21.10 18.68 22.03
CA GLU A 81 -22.42 18.07 21.95
C GLU A 81 -22.86 17.84 20.51
N GLU A 82 -22.41 18.68 19.58
CA GLU A 82 -22.97 18.72 18.23
C GLU A 82 -21.94 18.29 17.20
N ILE A 83 -22.42 17.57 16.19
CA ILE A 83 -21.65 17.18 15.02
C ILE A 83 -22.31 17.80 13.81
N ILE A 84 -21.52 18.53 13.02
CA ILE A 84 -22.04 19.21 11.84
C ILE A 84 -21.17 18.86 10.65
N ILE A 85 -21.77 18.25 9.62
CA ILE A 85 -20.99 17.87 8.45
C ILE A 85 -21.54 18.58 7.22
N LEU A 86 -20.65 18.91 6.29
CA LEU A 86 -21.00 19.70 5.12
C LEU A 86 -20.49 19.05 3.85
N LEU A 87 -21.39 18.81 2.90
CA LEU A 87 -21.05 18.21 1.61
C LEU A 87 -21.17 19.30 0.55
N CYS A 88 -20.05 19.71 -0.02
CA CYS A 88 -19.98 20.88 -0.89
C CYS A 88 -19.54 20.47 -2.28
N GLU A 89 -20.34 20.82 -3.28
CA GLU A 89 -20.10 20.34 -4.63
C GLU A 89 -18.78 20.91 -5.17
N ASP A 90 -18.05 20.07 -5.91
CA ASP A 90 -16.77 20.48 -6.47
C ASP A 90 -17.00 21.34 -7.70
N GLU A 91 -16.49 22.57 -7.68
CA GLU A 91 -16.59 23.42 -8.84
C GLU A 91 -15.76 22.85 -9.99
N GLU A 92 -16.12 23.27 -11.20
CA GLU A 92 -15.32 22.94 -12.37
C GLU A 92 -15.18 21.44 -12.54
N LYS A 97 -20.26 27.22 -10.16
CA LYS A 97 -20.38 28.40 -11.01
C LYS A 97 -19.62 29.60 -10.43
N LYS A 98 -20.39 30.56 -9.90
CA LYS A 98 -19.86 31.72 -9.19
C LYS A 98 -20.25 31.71 -7.71
N ASP A 99 -21.28 30.95 -7.36
CA ASP A 99 -21.66 30.69 -5.98
C ASP A 99 -21.58 29.19 -5.74
N MET A 100 -21.51 28.80 -4.46
CA MET A 100 -21.35 27.39 -4.06
C MET A 100 -22.52 26.95 -3.19
N THR A 101 -23.13 25.82 -3.54
CA THR A 101 -24.12 25.17 -2.70
C THR A 101 -23.53 24.00 -1.90
N CYS A 102 -24.13 23.71 -0.76
CA CYS A 102 -23.74 22.53 0.03
C CYS A 102 -24.97 21.96 0.72
N HIS A 103 -24.83 20.74 1.24
CA HIS A 103 -25.83 20.10 2.08
C HIS A 103 -25.21 19.86 3.46
N ARG A 104 -25.89 20.26 4.52
CA ARG A 104 -25.34 20.01 5.84
C ARG A 104 -26.18 18.99 6.59
N PHE A 105 -25.52 18.30 7.50
CA PHE A 105 -26.11 17.26 8.33
C PHE A 105 -25.79 17.62 9.77
N TYR A 106 -26.79 17.47 10.63
CA TYR A 106 -26.64 17.83 12.04
C TYR A 106 -27.06 16.66 12.91
N SER A 107 -26.25 16.38 13.92
CA SER A 107 -26.67 15.52 15.00
C SER A 107 -26.16 16.10 16.31
N ASN A 108 -26.85 15.74 17.39
CA ASN A 108 -26.29 15.87 18.72
C ASN A 108 -26.02 14.50 19.33
N ASP A 109 -26.04 13.46 18.51
CA ASP A 109 -26.12 12.07 18.94
C ASP A 109 -25.29 11.11 18.11
N GLY A 110 -24.75 11.53 16.97
CA GLY A 110 -23.92 10.68 16.16
C GLY A 110 -24.62 9.55 15.43
N LYS A 111 -25.90 9.29 15.75
CA LYS A 111 -26.66 8.26 15.05
C LYS A 111 -27.58 8.84 13.98
N GLU A 112 -28.38 9.86 14.32
CA GLU A 112 -29.41 10.39 13.43
C GLU A 112 -29.00 11.78 12.95
N TYR A 113 -28.61 11.86 11.69
CA TYR A 113 -28.20 13.13 11.08
C TYR A 113 -29.39 13.74 10.36
N GLN A 114 -29.58 15.04 10.56
CA GLN A 114 -30.74 15.75 10.05
C GLN A 114 -30.38 16.48 8.78
N ASN A 115 -31.12 16.21 7.71
CA ASN A 115 -30.89 16.75 6.38
C ASN A 115 -30.95 18.28 6.39
N SER A 116 -30.53 18.87 5.27
CA SER A 116 -30.69 20.29 4.93
C SER A 116 -29.94 20.64 3.64
N GLU A 117 -30.06 21.89 3.18
CA GLU A 117 -29.33 22.39 2.02
C GLU A 117 -29.17 23.90 2.16
N ILE A 118 -28.04 24.41 1.68
CA ILE A 118 -27.70 25.84 1.78
C ILE A 118 -26.94 26.26 0.53
N THR A 119 -26.86 27.58 0.35
CA THR A 119 -26.15 28.19 -0.75
C THR A 119 -25.45 29.44 -0.25
N ILE A 120 -24.19 29.61 -0.64
CA ILE A 120 -23.43 30.82 -0.39
C ILE A 120 -23.20 31.49 -1.74
N SER A 121 -23.86 32.62 -1.94
CA SER A 121 -23.79 33.32 -3.22
C SER A 121 -22.56 34.21 -3.26
N ASP A 122 -21.90 34.22 -4.41
CA ASP A 122 -20.69 35.00 -4.62
C ASP A 122 -19.67 34.67 -3.54
N TYR A 123 -19.76 33.44 -3.00
CA TYR A 123 -19.00 33.04 -1.82
C TYR A 123 -17.53 33.42 -1.97
N ILE A 124 -16.90 33.64 -0.82
CA ILE A 124 -15.62 34.32 -0.79
C ILE A 124 -14.54 33.54 -1.54
N LEU A 125 -14.64 32.21 -1.58
CA LEU A 125 -13.63 31.34 -2.20
C LEU A 125 -13.92 31.07 -3.67
N LYS A 126 -14.31 32.09 -4.43
CA LYS A 126 -14.75 31.87 -5.81
C LYS A 126 -13.75 31.05 -6.61
N ASP A 127 -12.50 31.49 -6.66
CA ASP A 127 -11.48 30.83 -7.47
C ASP A 127 -10.44 30.10 -6.61
N LYS A 128 -10.84 29.61 -5.45
CA LYS A 128 -9.90 28.90 -4.60
C LYS A 128 -10.12 27.40 -4.73
N LEU A 129 -9.04 26.65 -4.59
CA LEU A 129 -9.14 25.20 -4.51
C LEU A 129 -9.30 24.79 -3.04
N LEU A 130 -10.15 23.77 -2.80
CA LEU A 130 -10.44 23.26 -1.45
C LEU A 130 -10.17 21.77 -1.38
N SER A 131 -10.01 21.25 -0.17
CA SER A 131 -9.99 19.80 0.03
C SER A 131 -10.65 19.46 1.36
N SER A 132 -11.20 18.26 1.45
CA SER A 132 -12.00 17.88 2.61
C SER A 132 -11.16 17.81 3.88
N TYR A 133 -11.75 18.15 5.03
CA TYR A 133 -11.10 17.98 6.33
C TYR A 133 -12.11 18.08 7.48
N VAL A 134 -11.66 17.56 8.69
CA VAL A 134 -12.34 17.65 9.99
C VAL A 134 -11.74 18.79 10.79
N SER A 135 -12.55 19.40 11.65
CA SER A 135 -12.05 20.55 12.38
C SER A 135 -12.90 20.80 13.63
N LEU A 136 -12.47 21.81 14.37
CA LEU A 136 -13.01 22.30 15.61
C LEU A 136 -13.40 23.75 15.44
N PRO A 137 -14.30 24.26 16.27
CA PRO A 137 -14.57 25.71 16.26
C PRO A 137 -13.39 26.51 16.78
N LEU A 138 -13.16 27.66 16.15
CA LEU A 138 -12.05 28.54 16.50
C LEU A 138 -12.60 29.74 17.27
N LYS A 139 -12.26 29.85 18.55
CA LYS A 139 -12.74 30.98 19.34
C LYS A 139 -11.96 32.22 18.98
N ILE A 140 -12.69 33.30 18.69
CA ILE A 140 -12.11 34.56 18.25
C ILE A 140 -12.86 35.68 18.99
N GLU A 141 -12.40 35.99 20.21
CA GLU A 141 -13.03 37.01 21.04
C GLU A 141 -14.52 36.71 21.22
N ASN A 142 -14.83 35.74 22.08
CA ASN A 142 -16.20 35.46 22.52
C ASN A 142 -17.08 34.92 21.39
N ARG A 143 -16.49 34.46 20.29
CA ARG A 143 -17.27 33.89 19.21
C ARG A 143 -16.57 32.62 18.73
N GLU A 144 -17.37 31.61 18.40
CA GLU A 144 -16.89 30.41 17.77
C GLU A 144 -17.16 30.50 16.27
N TYR A 145 -16.16 30.16 15.46
CA TYR A 145 -16.26 30.15 14.01
C TYR A 145 -15.81 28.79 13.48
N PHE A 146 -16.53 28.29 12.49
CA PHE A 146 -16.07 27.19 11.65
C PHE A 146 -15.48 27.78 10.38
N LEU A 147 -14.41 27.17 9.89
CA LEU A 147 -13.66 27.73 8.78
C LEU A 147 -13.72 26.79 7.60
N ILE A 148 -13.97 27.35 6.41
CA ILE A 148 -13.70 26.70 5.14
C ILE A 148 -12.64 27.52 4.43
N CYS A 149 -11.49 26.91 4.15
CA CYS A 149 -10.32 27.63 3.70
C CYS A 149 -9.85 27.11 2.36
N GLY A 150 -9.28 28.01 1.57
CA GLY A 150 -8.89 27.67 0.22
C GLY A 150 -7.60 28.36 -0.21
N VAL A 151 -7.06 27.82 -1.29
CA VAL A 151 -5.73 28.13 -1.78
C VAL A 151 -5.81 28.59 -3.22
N SER A 152 -4.88 29.48 -3.60
CA SER A 152 -4.83 30.01 -4.95
C SER A 152 -4.35 28.94 -5.94
N PRO A 153 -4.88 28.94 -7.19
CA PRO A 153 -4.48 27.92 -8.17
C PRO A 153 -3.36 28.38 -9.09
N TYR A 154 -2.16 27.89 -8.86
CA TYR A 154 -1.02 28.32 -9.67
C TYR A 154 -0.63 27.31 -10.73
N LYS A 155 -0.66 26.02 -10.41
CA LYS A 155 -0.23 25.01 -11.36
C LYS A 155 -1.11 25.06 -12.60
N PHE A 156 -0.46 25.08 -13.76
CA PHE A 156 -1.18 25.21 -15.02
C PHE A 156 -2.00 23.96 -15.32
N LYS A 157 -3.18 24.16 -15.88
CA LYS A 157 -4.10 23.04 -16.08
C LYS A 157 -4.73 23.11 -17.47
N LYS B 5 -3.87 39.61 -2.59
CA LYS B 5 -2.53 39.07 -2.74
C LYS B 5 -2.28 37.91 -1.76
N ASP B 6 -3.28 37.65 -0.91
CA ASP B 6 -3.18 36.60 0.10
C ASP B 6 -3.42 35.24 -0.54
N ASP B 7 -2.44 34.34 -0.43
CA ASP B 7 -2.55 33.05 -1.09
C ASP B 7 -3.59 32.15 -0.44
N ILE B 8 -3.82 32.30 0.87
CA ILE B 8 -4.76 31.47 1.61
C ILE B 8 -5.90 32.35 2.08
N LEU B 9 -7.11 31.78 2.08
CA LEU B 9 -8.29 32.57 2.38
C LEU B 9 -9.32 31.70 3.09
N CYS B 10 -9.95 32.23 4.14
CA CYS B 10 -10.98 31.42 4.79
C CYS B 10 -12.26 32.21 4.85
N MET B 11 -13.36 31.60 4.42
CA MET B 11 -14.68 32.06 4.82
C MET B 11 -15.10 31.26 6.04
N ALA B 12 -15.89 31.89 6.90
CA ALA B 12 -16.09 31.41 8.25
C ALA B 12 -17.50 31.73 8.71
N SER B 13 -17.95 30.94 9.68
CA SER B 13 -19.34 30.97 10.12
C SER B 13 -19.38 30.89 11.63
N HIS B 14 -20.16 31.77 12.26
CA HIS B 14 -20.38 31.73 13.69
C HIS B 14 -21.82 31.35 14.02
N ASP B 15 -22.59 31.03 13.00
CA ASP B 15 -23.94 30.52 13.17
C ASP B 15 -23.99 29.03 12.89
N LYS B 16 -22.90 28.33 13.17
CA LYS B 16 -22.83 26.88 13.04
C LYS B 16 -23.17 26.43 11.61
N GLY B 17 -22.63 27.15 10.62
CA GLY B 17 -22.73 26.73 9.25
C GLY B 17 -23.96 27.21 8.51
N GLU B 18 -24.94 27.80 9.19
CA GLU B 18 -26.10 28.33 8.49
C GLU B 18 -25.67 29.29 7.38
N THR B 19 -24.90 30.31 7.75
CA THR B 19 -24.39 31.29 6.80
C THR B 19 -22.88 31.35 6.91
N TRP B 20 -22.25 31.64 5.78
CA TRP B 20 -20.81 31.80 5.71
C TRP B 20 -20.44 33.19 5.24
N GLY B 21 -20.88 34.20 5.98
CA GLY B 21 -20.61 35.56 5.58
C GLY B 21 -19.33 36.11 6.17
N THR B 22 -18.76 35.46 7.18
CA THR B 22 -17.58 36.02 7.85
C THR B 22 -16.34 35.67 7.04
N LYS B 23 -15.39 36.61 7.00
CA LYS B 23 -14.16 36.43 6.23
C LYS B 23 -12.96 36.53 7.15
N ILE B 24 -12.16 35.47 7.19
CA ILE B 24 -10.92 35.44 7.95
C ILE B 24 -9.77 35.53 6.97
N VAL B 25 -8.92 36.53 7.19
CA VAL B 25 -7.79 36.88 6.33
C VAL B 25 -6.52 36.27 6.89
N ILE B 26 -5.71 35.71 6.00
CA ILE B 26 -4.52 34.99 6.40
C ILE B 26 -3.35 35.63 5.66
N LYS B 27 -2.59 36.46 6.36
CA LYS B 27 -1.38 37.01 5.77
C LYS B 27 -0.26 36.01 6.08
N TYR B 28 0.13 35.26 5.05
CA TYR B 28 1.29 34.36 5.07
C TYR B 28 2.35 34.99 4.17
N ASP B 29 3.01 35.99 4.71
CA ASP B 29 4.03 36.74 3.99
C ASP B 29 5.20 35.80 3.67
N ASN B 30 5.02 34.98 2.64
CA ASN B 30 6.08 34.04 2.29
C ASN B 30 7.00 34.63 1.21
N TYR B 31 8.19 34.03 1.10
CA TYR B 31 9.22 34.59 0.23
C TYR B 31 8.91 34.32 -1.23
N LYS B 32 8.22 33.22 -1.52
CA LYS B 32 8.16 32.67 -2.85
C LYS B 32 6.85 33.03 -3.54
N LEU B 33 6.93 33.27 -4.84
CA LEU B 33 5.75 33.58 -5.63
C LEU B 33 5.31 32.35 -6.42
N GLY B 34 4.03 32.35 -6.77
CA GLY B 34 3.45 31.33 -7.62
C GLY B 34 3.62 29.91 -7.13
N VAL B 35 3.63 29.66 -5.83
CA VAL B 35 3.81 28.33 -5.28
C VAL B 35 2.46 27.73 -4.91
N GLN B 36 2.15 26.58 -5.49
CA GLN B 36 0.88 25.89 -5.29
C GLN B 36 0.86 25.10 -3.98
N TYR B 37 -0.16 25.35 -3.16
CA TYR B 37 -0.39 24.59 -1.94
C TYR B 37 -1.37 23.45 -2.23
N PHE B 38 -1.11 22.28 -1.66
CA PHE B 38 -1.99 21.12 -1.85
C PHE B 38 -2.52 20.65 -0.49
N PHE B 39 -3.76 20.14 -0.49
CA PHE B 39 -4.38 19.50 0.68
C PHE B 39 -4.36 20.40 1.91
N LEU B 40 -4.50 21.70 1.71
CA LEU B 40 -4.47 22.61 2.85
C LEU B 40 -5.58 22.26 3.84
N ARG B 41 -5.26 22.39 5.14
CA ARG B 41 -6.26 22.23 6.19
C ARG B 41 -5.85 22.96 7.45
N PRO B 42 -6.79 23.59 8.16
CA PRO B 42 -6.41 24.32 9.39
C PRO B 42 -6.35 23.35 10.55
N TYR B 43 -5.27 23.44 11.31
CA TYR B 43 -5.15 22.77 12.59
C TYR B 43 -5.48 23.80 13.67
N ILE B 44 -6.50 23.51 14.47
CA ILE B 44 -7.02 24.46 15.44
C ILE B 44 -6.98 23.81 16.82
N SER B 45 -6.52 24.56 17.82
CA SER B 45 -6.67 24.06 19.19
C SER B 45 -6.84 25.22 20.17
N LYS B 46 -7.94 25.18 20.92
CA LYS B 46 -8.29 26.29 21.79
C LYS B 46 -8.22 27.61 21.05
N ASN B 47 -7.27 28.47 21.44
CA ASN B 47 -7.15 29.80 20.86
C ASN B 47 -6.44 29.78 19.52
N ASP B 48 -5.53 28.83 19.32
CA ASP B 48 -4.54 28.93 18.27
C ASP B 48 -5.07 28.40 16.94
N LEU B 49 -4.72 29.12 15.86
CA LEU B 49 -4.97 28.72 14.48
C LEU B 49 -3.65 28.45 13.78
N SER B 50 -3.62 27.36 13.01
CA SER B 50 -2.46 26.97 12.24
C SER B 50 -2.90 26.27 10.95
N PHE B 51 -1.95 26.04 10.06
CA PHE B 51 -2.26 25.36 8.81
C PHE B 51 -1.25 24.28 8.49
N HIS B 52 -1.75 23.19 7.93
CA HIS B 52 -0.96 22.07 7.49
C HIS B 52 -1.28 21.88 6.01
N PHE B 53 -0.25 21.83 5.17
CA PHE B 53 -0.49 21.69 3.73
C PHE B 53 0.76 21.16 3.04
N TYR B 54 0.66 20.85 1.76
CA TYR B 54 1.82 20.34 1.02
C TYR B 54 2.27 21.34 -0.06
N VAL B 55 3.56 21.27 -0.37
CA VAL B 55 4.18 21.99 -1.47
C VAL B 55 4.99 20.98 -2.28
N GLY B 56 5.10 21.21 -3.59
CA GLY B 56 5.90 20.30 -4.38
C GLY B 56 6.99 20.93 -5.24
N ASP B 57 7.44 22.12 -4.86
CA ASP B 57 8.42 22.86 -5.64
C ASP B 57 9.85 22.45 -5.28
N ASN B 58 10.12 21.15 -5.31
CA ASN B 58 11.44 20.62 -4.98
C ASN B 58 11.88 19.74 -6.13
N ILE B 59 13.11 19.22 -6.03
CA ILE B 59 13.73 18.56 -7.19
C ILE B 59 12.92 17.33 -7.61
N ASN B 60 12.55 16.49 -6.64
CA ASN B 60 11.96 15.19 -6.89
C ASN B 60 10.51 15.26 -7.31
N ASN B 61 9.92 16.45 -7.33
CA ASN B 61 8.49 16.63 -7.56
C ASN B 61 7.68 15.98 -6.44
N VAL B 62 8.35 15.41 -5.42
CA VAL B 62 7.61 14.86 -4.27
C VAL B 62 7.02 15.98 -3.45
N LYS B 63 5.84 15.75 -2.92
CA LYS B 63 5.18 16.73 -2.08
C LYS B 63 5.76 16.70 -0.67
N ASN B 64 5.76 17.85 -0.02
CA ASN B 64 6.43 18.06 1.24
C ASN B 64 5.53 18.85 2.15
N VAL B 65 5.40 18.37 3.40
CA VAL B 65 4.55 19.04 4.37
C VAL B 65 5.17 20.37 4.78
N ASN B 66 4.32 21.40 4.85
CA ASN B 66 4.58 22.66 5.54
C ASN B 66 3.51 22.87 6.60
N PHE B 67 3.92 23.50 7.70
CA PHE B 67 3.05 23.80 8.83
C PHE B 67 3.34 25.21 9.29
N ILE B 68 2.33 26.08 9.21
CA ILE B 68 2.52 27.48 9.59
C ILE B 68 1.64 27.77 10.80
N GLU B 69 2.20 28.49 11.78
CA GLU B 69 1.51 29.00 12.96
C GLU B 69 1.02 30.41 12.72
N CYS B 70 -0.12 30.76 13.34
CA CYS B 70 -0.65 32.11 13.21
C CYS B 70 -0.92 32.75 14.56
N THR B 71 -0.62 34.04 14.67
CA THR B 71 -1.14 34.82 15.77
C THR B 71 -2.09 35.87 15.21
N HIS B 72 -2.50 36.78 16.09
CA HIS B 72 -3.64 37.66 15.86
C HIS B 72 -3.21 39.10 15.59
N GLU B 73 -4.02 39.76 14.76
CA GLU B 73 -3.94 41.19 14.55
C GLU B 73 -5.31 41.76 14.83
N LYS B 74 -6.17 41.77 13.82
CA LYS B 74 -7.55 42.20 13.93
C LYS B 74 -8.42 41.02 14.36
N ASP B 75 -9.70 41.31 14.60
CA ASP B 75 -10.63 40.25 14.96
C ASP B 75 -10.77 39.21 13.87
N LEU B 76 -10.43 39.53 12.63
CA LEU B 76 -10.58 38.55 11.57
C LEU B 76 -9.32 38.34 10.74
N GLU B 77 -8.21 38.99 11.10
CA GLU B 77 -7.02 38.93 10.27
C GLU B 77 -5.85 38.36 11.08
N PHE B 78 -5.37 37.20 10.65
CA PHE B 78 -4.27 36.49 11.29
C PHE B 78 -2.98 36.63 10.51
N VAL B 79 -1.87 36.49 11.22
CA VAL B 79 -0.53 36.56 10.64
C VAL B 79 0.16 35.23 10.91
N CYS B 80 0.52 34.51 9.86
CA CYS B 80 1.10 33.19 9.99
C CYS B 80 2.58 33.21 9.63
N SER B 81 3.24 32.08 9.87
CA SER B 81 4.68 31.98 9.83
C SER B 81 5.05 30.51 9.83
N ASN B 82 5.99 30.12 8.98
CA ASN B 82 6.36 28.72 8.91
C ASN B 82 6.95 28.24 10.24
N ARG B 83 6.67 27.01 10.60
CA ARG B 83 7.28 26.41 11.79
C ARG B 83 8.27 25.35 11.31
N ASP B 84 9.52 25.53 11.71
CA ASP B 84 10.54 24.55 11.38
C ASP B 84 10.28 23.26 12.17
N PHE B 85 10.00 22.17 11.45
CA PHE B 85 10.10 20.82 12.01
C PHE B 85 11.11 19.97 11.27
N LEU B 86 11.91 20.58 10.40
CA LEU B 86 12.90 19.82 9.64
C LEU B 86 13.73 18.94 10.57
N LYS B 87 14.10 17.76 10.07
CA LYS B 87 14.78 16.77 10.89
C LYS B 87 15.59 15.90 9.95
N ASP B 88 16.93 15.93 10.10
CA ASP B 88 17.82 15.12 9.26
C ASP B 88 17.34 13.68 9.19
N ASN B 89 17.53 13.07 8.02
CA ASN B 89 17.27 11.65 7.80
C ASN B 89 15.81 11.24 8.05
N LYS B 90 14.89 12.20 8.18
CA LYS B 90 13.47 11.94 8.34
C LYS B 90 12.65 12.98 7.58
N VAL B 91 11.41 12.63 7.24
CA VAL B 91 10.52 13.48 6.46
C VAL B 91 9.29 13.84 7.28
N LEU B 92 8.98 15.15 7.34
CA LEU B 92 7.87 15.64 8.15
C LEU B 92 6.52 15.08 7.67
N GLN B 93 5.70 14.58 8.61
CA GLN B 93 4.42 13.99 8.19
C GLN B 93 3.20 14.70 8.77
N ASP B 94 2.69 14.25 9.91
CA ASP B 94 1.53 14.91 10.50
C ASP B 94 1.92 15.63 11.78
N VAL B 95 1.03 16.54 12.20
CA VAL B 95 1.27 17.45 13.32
C VAL B 95 0.02 17.55 14.20
N SER B 96 0.22 17.45 15.51
CA SER B 96 -0.85 17.65 16.47
C SER B 96 -0.24 18.24 17.74
N THR B 97 -1.06 18.39 18.78
CA THR B 97 -0.59 18.93 20.05
C THR B 97 -1.20 18.11 21.17
N LEU B 98 -0.35 17.70 22.13
CA LEU B 98 -0.77 17.21 23.43
C LEU B 98 -0.29 18.20 24.49
N ASN B 99 -1.22 18.93 25.11
CA ASN B 99 -0.93 19.75 26.29
C ASN B 99 -0.03 20.96 25.96
N ASP B 100 -0.43 21.72 24.94
CA ASP B 100 0.28 22.93 24.50
C ASP B 100 1.73 22.64 24.09
N GLU B 101 1.98 21.42 23.64
CA GLU B 101 3.28 21.01 23.12
C GLU B 101 3.00 20.27 21.82
N TYR B 102 3.89 20.35 20.84
CA TYR B 102 3.62 19.65 19.60
C TYR B 102 3.98 18.19 19.74
N ILE B 103 3.13 17.33 19.18
CA ILE B 103 3.47 15.96 18.85
C ILE B 103 3.55 15.86 17.33
N VAL B 104 4.62 15.25 16.83
CA VAL B 104 4.93 15.30 15.42
C VAL B 104 5.29 13.92 14.88
N SER B 105 4.80 13.64 13.69
CA SER B 105 4.93 12.38 13.01
C SER B 105 5.97 12.53 11.90
N TYR B 106 6.82 11.50 11.73
CA TYR B 106 7.84 11.52 10.69
C TYR B 106 7.95 10.14 10.06
N GLY B 107 8.33 10.10 8.78
CA GLY B 107 8.73 8.87 8.14
C GLY B 107 10.24 8.81 8.10
N ASN B 108 10.77 7.58 8.03
CA ASN B 108 12.21 7.39 7.87
C ASN B 108 12.70 8.03 6.57
N ASP B 109 12.11 7.64 5.45
CA ASP B 109 12.33 8.31 4.17
C ASP B 109 10.97 8.61 3.56
N ASN B 110 10.95 9.02 2.29
CA ASN B 110 9.69 9.33 1.61
C ASN B 110 8.83 8.10 1.37
N ASN B 111 9.28 6.90 1.77
CA ASN B 111 8.54 5.67 1.55
C ASN B 111 8.01 5.05 2.83
N PHE B 112 8.17 5.72 3.96
CA PHE B 112 7.39 5.42 5.16
C PHE B 112 7.47 3.94 5.54
N ALA B 113 8.65 3.36 5.33
CA ALA B 113 8.95 2.08 5.95
C ALA B 113 8.74 2.16 7.46
N GLU B 114 9.10 3.28 8.06
CA GLU B 114 8.93 3.47 9.49
C GLU B 114 8.32 4.83 9.74
N CYS B 115 7.78 5.02 10.94
CA CYS B 115 7.34 6.34 11.36
C CYS B 115 7.80 6.57 12.78
N TYR B 116 8.38 7.73 13.04
CA TYR B 116 8.81 8.13 14.36
C TYR B 116 7.83 9.17 14.87
N ILE B 117 7.56 9.14 16.17
CA ILE B 117 6.72 10.14 16.80
C ILE B 117 7.53 10.91 17.83
N PHE B 118 7.55 12.22 17.71
CA PHE B 118 8.31 13.05 18.61
C PHE B 118 7.38 13.88 19.48
N PHE B 119 7.71 13.91 20.76
CA PHE B 119 7.00 14.68 21.76
C PHE B 119 7.84 15.88 22.13
N ASN B 120 7.27 17.06 21.93
CA ASN B 120 7.94 18.34 22.17
C ASN B 120 9.36 18.36 21.62
N ASN B 121 9.59 17.60 20.55
CA ASN B 121 10.92 17.51 19.98
C ASN B 121 11.92 17.00 20.99
N GLU B 122 11.43 16.32 22.03
CA GLU B 122 12.29 15.90 23.12
C GLU B 122 12.27 14.40 23.40
N ASN B 123 11.20 13.69 23.08
CA ASN B 123 11.25 12.25 23.26
C ASN B 123 10.63 11.61 22.03
N SER B 124 11.04 10.39 21.73
CA SER B 124 10.51 9.82 20.49
C SER B 124 10.29 8.33 20.62
N ILE B 125 9.34 7.89 19.83
CA ILE B 125 8.82 6.55 19.81
C ILE B 125 8.89 6.06 18.37
N LEU B 126 9.21 4.79 18.18
CA LEU B 126 9.30 4.20 16.86
C LEU B 126 8.09 3.33 16.55
N ILE B 127 7.52 3.50 15.37
CA ILE B 127 6.40 2.70 14.86
C ILE B 127 6.89 1.94 13.63
N LYS B 128 7.04 0.62 13.78
CA LYS B 128 7.44 -0.28 12.71
C LYS B 128 6.25 -1.12 12.30
N PRO B 129 5.45 -0.68 11.34
CA PRO B 129 4.28 -1.46 10.94
C PRO B 129 4.65 -2.84 10.44
N GLU B 130 3.87 -3.83 10.85
CA GLU B 130 4.08 -5.20 10.40
C GLU B 130 3.60 -5.34 8.96
N LYS B 131 4.20 -6.28 8.24
CA LYS B 131 3.83 -6.50 6.85
C LYS B 131 2.46 -7.14 6.76
N TYR B 132 1.74 -6.79 5.70
CA TYR B 132 0.46 -7.45 5.43
C TYR B 132 0.66 -8.87 4.93
N GLY B 133 1.85 -9.19 4.44
CA GLY B 133 2.12 -10.50 3.90
C GLY B 133 3.34 -10.41 3.02
N GLN B 134 3.18 -10.74 1.74
CA GLN B 134 4.29 -10.73 0.81
C GLN B 134 4.74 -9.33 0.40
N THR B 135 3.94 -8.31 0.70
CA THR B 135 4.22 -6.95 0.29
C THR B 135 4.53 -6.07 1.49
N THR B 136 5.29 -5.00 1.25
CA THR B 136 5.67 -4.10 2.33
C THR B 136 4.48 -3.26 2.77
N ALA B 137 4.32 -3.15 4.08
CA ALA B 137 3.32 -2.28 4.67
C ALA B 137 4.01 -1.03 5.18
N GLY B 138 3.51 0.14 4.79
CA GLY B 138 4.07 1.40 5.21
C GLY B 138 3.21 2.06 6.27
N CYS B 139 3.56 3.30 6.58
CA CYS B 139 2.66 4.18 7.33
C CYS B 139 2.38 5.46 6.55
N TYR B 140 2.27 5.35 5.23
CA TYR B 140 1.80 6.48 4.44
C TYR B 140 0.39 6.83 4.88
N GLY B 141 0.16 8.11 5.17
CA GLY B 141 -1.15 8.57 5.57
C GLY B 141 -1.42 8.46 7.04
N GLY B 142 -0.45 8.03 7.83
CA GLY B 142 -0.63 8.05 9.26
C GLY B 142 -1.01 9.44 9.70
N THR B 143 -2.11 9.59 10.43
CA THR B 143 -2.42 10.88 11.01
C THR B 143 -2.83 10.70 12.45
N PHE B 144 -2.92 11.84 13.13
CA PHE B 144 -3.31 11.89 14.52
C PHE B 144 -4.80 12.13 14.63
N VAL B 145 -5.40 11.50 15.64
CA VAL B 145 -6.78 11.73 16.00
C VAL B 145 -6.75 11.93 17.51
N LYS B 146 -6.93 13.17 17.94
CA LYS B 146 -6.69 13.53 19.32
C LYS B 146 -7.91 13.20 20.17
N ILE B 147 -7.65 12.74 21.39
CA ILE B 147 -8.71 12.35 22.33
C ILE B 147 -8.87 13.40 23.44
N ASP B 148 -7.75 13.84 23.99
CA ASP B 148 -7.66 14.85 25.04
C ASP B 148 -6.19 15.16 25.22
N GLU B 149 -5.84 15.87 26.29
CA GLU B 149 -4.49 16.40 26.46
C GLU B 149 -3.45 15.32 26.76
N GLN B 150 -3.84 14.08 27.08
CA GLN B 150 -2.87 13.02 27.28
C GLN B 150 -2.95 11.88 26.27
N ARG B 151 -4.02 11.79 25.49
CA ARG B 151 -4.23 10.63 24.65
C ARG B 151 -4.48 11.04 23.21
N THR B 152 -3.81 10.36 22.28
CA THR B 152 -4.15 10.52 20.87
C THR B 152 -3.89 9.22 20.15
N LEU B 153 -4.69 8.97 19.11
CA LEU B 153 -4.46 7.85 18.22
C LEU B 153 -3.63 8.31 17.03
N PHE B 154 -2.83 7.39 16.53
CA PHE B 154 -2.10 7.54 15.29
C PHE B 154 -2.56 6.38 14.42
N ILE B 155 -3.36 6.66 13.39
CA ILE B 155 -3.93 5.62 12.52
C ILE B 155 -3.29 5.70 11.15
N TYR B 156 -3.14 4.54 10.52
CA TYR B 156 -2.78 4.49 9.10
C TYR B 156 -3.29 3.18 8.56
N SER B 157 -3.48 3.13 7.23
CA SER B 157 -3.92 1.91 6.56
C SER B 157 -2.72 1.24 5.92
N SER B 158 -2.20 0.21 6.59
CA SER B 158 -1.14 -0.64 6.03
C SER B 158 -1.45 -1.02 4.60
N SER B 159 -2.60 -1.65 4.40
CA SER B 159 -3.12 -1.87 3.07
C SER B 159 -4.64 -1.82 3.14
N GLN B 160 -5.27 -1.89 1.97
CA GLN B 160 -6.70 -1.63 1.86
C GLN B 160 -7.51 -2.65 2.65
N GLY B 161 -8.40 -2.12 3.50
CA GLY B 161 -9.16 -2.88 4.45
C GLY B 161 -8.61 -2.78 5.87
N ILE B 162 -7.30 -2.68 6.01
CA ILE B 162 -6.62 -2.85 7.28
C ILE B 162 -6.32 -1.48 7.88
N TYR B 163 -6.76 -1.28 9.11
CA TYR B 163 -6.56 -0.03 9.84
C TYR B 163 -5.71 -0.31 11.08
N ASN B 164 -4.51 0.24 11.10
CA ASN B 164 -3.59 0.11 12.23
C ASN B 164 -3.79 1.29 13.15
N ILE B 165 -4.18 1.01 14.39
CA ILE B 165 -4.54 2.02 15.38
C ILE B 165 -3.54 1.97 16.53
N HIS B 166 -2.75 3.04 16.65
CA HIS B 166 -1.86 3.22 17.79
C HIS B 166 -2.53 4.13 18.80
N THR B 167 -2.83 3.59 19.96
CA THR B 167 -3.31 4.35 21.10
C THR B 167 -2.09 4.86 21.84
N ILE B 168 -2.02 6.18 22.08
CA ILE B 168 -0.83 6.80 22.64
C ILE B 168 -1.17 7.61 23.87
N TYR B 169 -0.48 7.33 24.99
CA TYR B 169 -0.53 8.12 26.22
C TYR B 169 0.80 8.85 26.39
N TYR B 170 0.73 10.13 26.72
CA TYR B 170 1.93 10.90 26.95
C TYR B 170 1.68 11.94 28.01
N ALA B 171 2.63 12.08 28.91
CA ALA B 171 2.52 13.12 29.91
C ALA B 171 3.91 13.54 30.32
N ASN B 172 4.13 14.85 30.33
CA ASN B 172 5.39 15.49 30.71
C ASN B 172 5.12 16.39 31.91
N TYR B 173 5.92 16.25 32.99
CA TYR B 173 5.61 16.94 34.24
C TYR B 173 6.64 17.99 34.61
N GLU B 174 6.70 18.34 35.90
CA GLU B 174 7.58 19.36 36.44
C GLU B 174 7.24 20.74 35.90
N HIS C 1 33.81 -35.51 -7.27
CA HIS C 1 32.68 -35.65 -6.35
C HIS C 1 31.93 -34.33 -6.08
N VAL C 2 32.35 -33.56 -5.08
CA VAL C 2 31.59 -32.39 -4.64
C VAL C 2 32.33 -31.12 -4.97
N PHE C 3 31.61 -30.15 -5.52
CA PHE C 3 32.14 -28.82 -5.80
C PHE C 3 31.10 -27.82 -5.31
N ILE C 4 31.46 -27.00 -4.30
CA ILE C 4 30.60 -25.94 -3.80
C ILE C 4 31.38 -24.64 -3.74
N ARG C 5 30.79 -23.56 -4.29
CA ARG C 5 31.43 -22.25 -4.27
C ARG C 5 30.38 -21.15 -4.06
N THR C 6 30.79 -20.08 -3.40
CA THR C 6 29.90 -18.99 -2.99
C THR C 6 30.54 -17.64 -3.28
N GLU C 7 29.82 -16.79 -3.99
CA GLU C 7 30.14 -15.37 -4.10
C GLU C 7 29.01 -14.54 -3.50
N LEU C 8 29.31 -13.29 -3.16
CA LEU C 8 28.31 -12.39 -2.60
C LEU C 8 28.51 -10.98 -3.13
N SER C 9 27.55 -10.48 -3.89
CA SER C 9 27.53 -9.08 -4.29
C SER C 9 26.32 -8.39 -3.67
N PHE C 10 26.40 -7.07 -3.57
CA PHE C 10 25.29 -6.23 -3.14
C PHE C 10 24.79 -5.39 -4.30
N ILE C 11 23.53 -4.97 -4.21
CA ILE C 11 22.95 -4.14 -5.28
C ILE C 11 22.04 -3.09 -4.66
N LYS C 12 22.18 -1.85 -5.13
CA LYS C 12 21.35 -0.76 -4.65
C LYS C 12 20.16 -0.58 -5.59
N ASN C 13 19.02 -0.27 -5.01
CA ASN C 13 17.83 -0.01 -5.80
C ASN C 13 17.33 1.39 -5.48
N ASN C 14 17.28 2.24 -6.51
CA ASN C 14 16.75 3.59 -6.42
C ASN C 14 15.25 3.61 -6.42
N VAL C 15 14.63 2.44 -6.37
CA VAL C 15 13.17 2.32 -6.34
C VAL C 15 12.78 1.43 -5.18
N PRO C 16 12.00 1.86 -4.34
CA PRO C 16 11.47 1.08 -3.20
C PRO C 16 10.35 0.09 -3.56
N CYS C 17 10.73 -1.01 -4.22
CA CYS C 17 9.74 -1.98 -4.70
C CYS C 17 8.93 -2.56 -3.56
N ILE C 18 7.61 -2.58 -3.75
CA ILE C 18 6.72 -3.20 -2.78
C ILE C 18 6.85 -4.71 -2.85
N ARG C 19 7.09 -5.27 -4.04
CA ARG C 19 7.37 -6.69 -4.20
C ARG C 19 8.33 -6.88 -5.37
N ASP C 20 9.29 -7.77 -5.20
CA ASP C 20 10.26 -8.06 -6.22
C ASP C 20 9.89 -9.34 -6.98
N MET C 21 10.51 -9.50 -8.15
CA MET C 21 10.19 -10.64 -9.01
C MET C 21 11.37 -10.76 -9.95
N PHE C 22 12.26 -11.70 -9.66
CA PHE C 22 13.53 -11.80 -10.38
C PHE C 22 13.43 -12.84 -11.49
N PHE C 23 14.15 -12.60 -12.58
CA PHE C 23 14.32 -13.62 -13.61
C PHE C 23 15.64 -13.41 -14.33
N ILE C 24 16.08 -14.45 -15.01
CA ILE C 24 17.38 -14.51 -15.67
C ILE C 24 17.12 -14.66 -17.16
N TYR C 25 17.67 -13.75 -17.97
CA TYR C 25 17.44 -13.78 -19.42
C TYR C 25 18.71 -13.38 -20.17
N LYS C 26 19.07 -14.21 -21.14
CA LYS C 26 20.30 -14.05 -21.92
C LYS C 26 21.45 -13.60 -21.01
N ARG C 27 21.62 -14.35 -19.92
CA ARG C 27 22.70 -14.30 -18.93
C ARG C 27 22.58 -13.14 -17.94
N GLU C 28 21.61 -12.25 -18.07
CA GLU C 28 21.52 -11.10 -17.17
C GLU C 28 20.36 -11.28 -16.19
N LEU C 29 20.43 -10.53 -15.10
CA LEU C 29 19.48 -10.60 -14.00
C LEU C 29 18.54 -9.40 -14.04
N TYR C 30 17.25 -9.67 -14.07
CA TYR C 30 16.20 -8.65 -14.14
C TYR C 30 15.28 -8.77 -12.94
N ASN C 31 14.67 -7.64 -12.58
CA ASN C 31 13.69 -7.56 -11.52
C ASN C 31 12.46 -6.87 -12.06
N ILE C 32 11.29 -7.47 -11.86
CA ILE C 32 10.02 -6.80 -12.09
C ILE C 32 9.57 -6.20 -10.77
N CYS C 33 9.53 -4.87 -10.74
CA CYS C 33 9.41 -4.07 -9.53
C CYS C 33 8.06 -3.40 -9.49
N LEU C 34 7.35 -3.56 -8.38
CA LEU C 34 6.09 -2.87 -8.16
C LEU C 34 6.31 -1.80 -7.10
N ASP C 35 5.95 -0.54 -7.39
CA ASP C 35 5.96 0.46 -6.32
C ASP C 35 4.64 1.23 -6.31
N ASP C 36 3.97 1.22 -5.15
CA ASP C 36 2.60 1.70 -5.06
C ASP C 36 2.30 2.22 -3.66
N LEU C 37 3.33 2.51 -2.86
CA LEU C 37 3.13 2.83 -1.45
C LEU C 37 2.16 4.00 -1.25
N LYS C 38 2.24 5.02 -2.11
CA LYS C 38 1.22 6.07 -2.06
C LYS C 38 -0.02 5.58 -2.82
N GLY C 39 -0.67 4.58 -2.25
CA GLY C 39 -1.93 4.10 -2.77
C GLY C 39 -3.06 5.08 -2.52
N GLU C 40 -2.85 6.34 -2.85
CA GLU C 40 -3.87 7.38 -2.73
C GLU C 40 -3.82 8.33 -3.91
N GLU C 41 -2.62 8.64 -4.41
CA GLU C 41 -2.52 9.26 -5.72
C GLU C 41 -2.37 8.25 -6.83
N ASP C 42 -1.88 7.05 -6.51
CA ASP C 42 -1.91 5.89 -7.41
C ASP C 42 -1.29 6.17 -8.77
N GLU C 43 -0.30 7.05 -8.81
CA GLU C 43 0.59 7.09 -9.96
C GLU C 43 1.52 5.90 -9.81
N THR C 44 1.07 4.76 -10.32
CA THR C 44 1.66 3.47 -10.01
C THR C 44 2.63 3.01 -11.09
N HIS C 45 3.71 2.37 -10.68
CA HIS C 45 4.75 1.98 -11.60
C HIS C 45 5.07 0.49 -11.45
N ILE C 46 5.20 -0.15 -12.60
CA ILE C 46 5.70 -1.50 -12.74
C ILE C 46 6.92 -1.41 -13.66
N TYR C 47 8.10 -1.53 -13.05
CA TYR C 47 9.38 -1.24 -13.66
C TYR C 47 10.11 -2.53 -13.98
N VAL C 48 10.51 -2.68 -15.25
CA VAL C 48 11.50 -3.69 -15.61
C VAL C 48 12.88 -3.12 -15.30
N GLN C 49 13.58 -3.75 -14.36
CA GLN C 49 14.89 -3.33 -13.91
C GLN C 49 15.90 -4.39 -14.28
N LYS C 50 17.13 -3.95 -14.55
CA LYS C 50 18.22 -4.86 -14.91
C LYS C 50 19.41 -4.56 -14.03
N LYS C 51 20.05 -5.62 -13.53
CA LYS C 51 21.26 -5.47 -12.75
C LYS C 51 22.44 -5.13 -13.65
N VAL C 52 23.08 -3.99 -13.42
CA VAL C 52 24.33 -3.68 -14.09
C VAL C 52 25.28 -3.18 -13.03
N LYS C 53 26.24 -4.02 -12.63
CA LYS C 53 27.38 -3.60 -11.80
C LYS C 53 26.89 -2.85 -10.56
N ASP C 54 26.35 -3.61 -9.64
CA ASP C 54 26.00 -3.16 -8.29
C ASP C 54 24.74 -2.29 -8.23
N SER C 55 24.06 -2.04 -9.35
CA SER C 55 22.86 -1.23 -9.29
C SER C 55 21.77 -1.78 -10.20
N TRP C 56 20.55 -1.79 -9.68
CA TRP C 56 19.38 -1.98 -10.51
C TRP C 56 19.18 -0.74 -11.36
N ILE C 57 18.95 -0.94 -12.65
CA ILE C 57 18.68 0.15 -13.58
C ILE C 57 17.31 -0.08 -14.18
N THR C 58 16.48 0.95 -14.18
CA THR C 58 15.14 0.86 -14.73
C THR C 58 15.20 0.92 -16.25
N LEU C 59 14.38 0.11 -16.91
CA LEU C 59 14.28 0.16 -18.36
C LEU C 59 12.90 0.54 -18.86
N ASN C 60 11.83 0.19 -18.15
CA ASN C 60 10.50 0.38 -18.69
C ASN C 60 9.51 0.45 -17.54
N ASP C 61 8.49 1.27 -17.70
CA ASP C 61 7.33 1.20 -16.83
C ASP C 61 6.23 0.60 -17.68
N LEU C 62 5.98 -0.69 -17.51
CA LEU C 62 4.93 -1.33 -18.29
C LEU C 62 3.56 -0.79 -17.94
N PHE C 63 3.40 -0.32 -16.70
CA PHE C 63 2.10 0.13 -16.24
C PHE C 63 1.58 1.27 -17.08
N LYS C 64 2.45 2.22 -17.44
CA LYS C 64 2.01 3.41 -18.18
C LYS C 64 1.37 3.07 -19.51
N GLU C 65 1.68 1.89 -20.05
CA GLU C 65 1.11 1.46 -21.33
C GLU C 65 -0.27 0.81 -21.17
N THR C 66 -0.92 0.91 -20.02
CA THR C 66 -2.12 0.15 -19.72
C THR C 66 -3.30 1.07 -19.41
N ASP C 67 -4.48 0.65 -19.89
CA ASP C 67 -5.76 1.23 -19.50
C ASP C 67 -6.25 0.56 -18.21
N LEU C 68 -5.46 0.74 -17.16
CA LEU C 68 -5.63 -0.04 -15.93
C LEU C 68 -5.87 0.88 -14.75
N THR C 69 -6.67 0.38 -13.82
CA THR C 69 -7.09 1.16 -12.65
C THR C 69 -6.18 0.87 -11.47
N GLY C 70 -6.06 -0.40 -11.10
CA GLY C 70 -5.36 -0.71 -9.88
C GLY C 70 -4.19 -1.67 -9.98
N ARG C 71 -3.71 -2.10 -8.84
CA ARG C 71 -2.57 -3.02 -8.77
C ARG C 71 -2.96 -4.35 -9.40
N PRO C 72 -2.14 -4.89 -10.32
CA PRO C 72 -2.54 -6.13 -11.00
C PRO C 72 -1.76 -7.37 -10.58
N HIS C 73 -2.30 -8.55 -10.91
CA HIS C 73 -1.49 -9.75 -10.88
C HIS C 73 -0.48 -9.67 -12.00
N ILE C 74 0.73 -10.15 -11.74
CA ILE C 74 1.81 -10.13 -12.72
C ILE C 74 2.30 -11.54 -12.97
N PHE C 75 2.37 -11.91 -14.23
CA PHE C 75 2.81 -13.24 -14.60
C PHE C 75 3.89 -13.11 -15.64
N ALA C 76 5.13 -13.46 -15.28
CA ALA C 76 6.23 -13.38 -16.21
C ALA C 76 6.60 -14.78 -16.70
N TYR C 77 7.02 -14.89 -17.96
CA TYR C 77 7.33 -16.18 -18.56
C TYR C 77 8.57 -16.02 -19.41
N VAL C 78 9.59 -16.84 -19.16
CA VAL C 78 10.90 -16.68 -19.76
C VAL C 78 11.28 -17.91 -20.57
N ASP C 79 11.27 -17.77 -21.90
CA ASP C 79 11.88 -18.68 -22.86
C ASP C 79 13.32 -18.23 -23.16
N VAL C 80 14.02 -18.91 -24.07
CA VAL C 80 15.35 -18.45 -24.44
C VAL C 80 15.26 -17.26 -25.41
N GLU C 81 14.29 -17.28 -26.32
CA GLU C 81 14.17 -16.22 -27.31
C GLU C 81 13.56 -14.96 -26.70
N GLU C 82 12.45 -15.10 -25.96
CA GLU C 82 11.80 -13.90 -25.47
C GLU C 82 11.32 -14.00 -24.03
N ILE C 83 10.99 -12.85 -23.51
CA ILE C 83 10.29 -12.66 -22.27
C ILE C 83 8.88 -12.21 -22.59
N ILE C 84 7.92 -12.73 -21.83
CA ILE C 84 6.54 -12.37 -22.01
C ILE C 84 5.98 -12.09 -20.63
N ILE C 85 5.51 -10.87 -20.41
CA ILE C 85 4.97 -10.48 -19.11
C ILE C 85 3.52 -10.06 -19.26
N LEU C 86 2.64 -10.71 -18.52
CA LEU C 86 1.25 -10.31 -18.46
C LEU C 86 0.97 -9.50 -17.20
N LEU C 87 0.07 -8.54 -17.36
CA LEU C 87 -0.48 -7.73 -16.28
C LEU C 87 -1.99 -7.90 -16.31
N CYS C 88 -2.53 -8.63 -15.36
CA CYS C 88 -3.96 -8.96 -15.37
C CYS C 88 -4.68 -8.23 -14.25
N GLU C 89 -5.88 -7.72 -14.56
CA GLU C 89 -6.77 -7.20 -13.54
C GLU C 89 -7.26 -8.33 -12.63
N ASP C 90 -7.67 -7.98 -11.41
CA ASP C 90 -8.47 -8.88 -10.58
C ASP C 90 -9.78 -8.18 -10.21
N ASP C 91 -10.57 -8.83 -9.36
CA ASP C 91 -11.96 -8.45 -9.08
C ASP C 91 -12.16 -6.95 -8.97
N GLU C 92 -13.20 -6.47 -9.68
CA GLU C 92 -13.46 -5.06 -9.99
C GLU C 92 -12.51 -4.58 -11.08
N ASN C 95 -13.37 -5.26 -15.25
CA ASN C 95 -14.57 -4.68 -14.65
C ASN C 95 -15.71 -5.69 -14.63
N ARG C 96 -15.83 -6.45 -15.73
CA ARG C 96 -16.84 -7.49 -15.87
C ARG C 96 -16.29 -8.80 -15.33
N LYS C 97 -17.06 -9.45 -14.47
CA LYS C 97 -16.47 -10.50 -13.65
C LYS C 97 -16.31 -11.80 -14.41
N LYS C 98 -17.24 -12.13 -15.33
CA LYS C 98 -17.10 -13.40 -16.03
C LYS C 98 -15.81 -13.49 -16.84
N ASP C 99 -15.20 -12.34 -17.16
CA ASP C 99 -14.07 -12.24 -18.06
C ASP C 99 -12.86 -11.64 -17.34
N MET C 100 -11.68 -11.75 -17.96
CA MET C 100 -10.46 -11.23 -17.38
C MET C 100 -9.61 -10.52 -18.43
N THR C 101 -9.27 -9.27 -18.18
CA THR C 101 -8.42 -8.49 -19.09
C THR C 101 -6.97 -8.51 -18.63
N CYS C 102 -6.05 -8.74 -19.58
CA CYS C 102 -4.62 -8.69 -19.31
C CYS C 102 -3.92 -7.92 -20.41
N HIS C 103 -2.77 -7.32 -20.08
CA HIS C 103 -1.88 -6.68 -21.04
C HIS C 103 -0.62 -7.53 -21.16
N ARG C 104 -0.40 -8.08 -22.35
CA ARG C 104 0.74 -8.92 -22.69
C ARG C 104 1.85 -8.10 -23.34
N PHE C 105 3.01 -8.10 -22.72
CA PHE C 105 4.24 -7.50 -23.21
C PHE C 105 5.22 -8.60 -23.64
N TYR C 106 5.88 -8.41 -24.79
CA TYR C 106 6.94 -9.33 -25.19
C TYR C 106 8.18 -8.55 -25.59
N SER C 107 9.31 -9.27 -25.54
CA SER C 107 10.61 -8.68 -25.81
C SER C 107 11.56 -9.81 -26.10
N ASN C 108 12.28 -9.74 -27.22
CA ASN C 108 13.34 -10.71 -27.45
C ASN C 108 14.69 -10.04 -27.32
N ASP C 109 14.77 -9.04 -26.45
CA ASP C 109 16.06 -8.50 -26.04
C ASP C 109 16.05 -8.02 -24.59
N GLY C 110 14.94 -8.15 -23.88
CA GLY C 110 14.86 -7.72 -22.51
C GLY C 110 14.72 -6.23 -22.33
N LYS C 111 15.10 -5.43 -23.32
CA LYS C 111 15.09 -3.98 -23.16
C LYS C 111 13.84 -3.33 -23.75
N GLU C 112 13.39 -3.75 -24.92
CA GLU C 112 12.25 -3.14 -25.60
C GLU C 112 11.09 -4.11 -25.62
N TYR C 113 9.96 -3.69 -25.05
CA TYR C 113 8.76 -4.53 -24.95
C TYR C 113 7.67 -3.95 -25.82
N GLN C 114 7.22 -4.74 -26.79
CA GLN C 114 5.95 -4.46 -27.42
C GLN C 114 4.81 -4.99 -26.55
N ASN C 115 3.64 -4.40 -26.73
CA ASN C 115 2.59 -4.57 -25.74
C ASN C 115 1.27 -4.77 -26.47
N SER C 116 0.28 -5.28 -25.73
CA SER C 116 -0.99 -5.67 -26.34
C SER C 116 -1.98 -5.99 -25.22
N GLU C 117 -3.28 -5.80 -25.50
CA GLU C 117 -4.33 -6.10 -24.52
C GLU C 117 -5.13 -7.29 -25.01
N ILE C 118 -5.37 -8.23 -24.12
CA ILE C 118 -6.14 -9.44 -24.44
C ILE C 118 -7.26 -9.60 -23.42
N THR C 119 -8.32 -10.25 -23.85
CA THR C 119 -9.49 -10.47 -23.00
C THR C 119 -9.81 -11.96 -22.99
N ILE C 120 -9.52 -12.61 -21.87
CA ILE C 120 -9.86 -14.01 -21.65
C ILE C 120 -11.33 -14.06 -21.24
N SER C 121 -12.21 -14.29 -22.21
CA SER C 121 -13.65 -14.29 -21.96
C SER C 121 -14.09 -15.59 -21.31
N ASP C 122 -14.98 -15.48 -20.32
CA ASP C 122 -15.57 -16.62 -19.61
C ASP C 122 -14.48 -17.52 -19.02
N TYR C 123 -13.57 -16.92 -18.26
CA TYR C 123 -12.30 -17.59 -17.96
C TYR C 123 -12.44 -18.58 -16.82
N ILE C 124 -11.53 -19.58 -16.83
CA ILE C 124 -11.67 -20.76 -15.99
C ILE C 124 -11.52 -20.43 -14.52
N LEU C 125 -10.78 -19.37 -14.20
CA LEU C 125 -10.45 -19.03 -12.82
C LEU C 125 -11.36 -17.95 -12.25
N LYS C 126 -12.63 -17.93 -12.69
CA LYS C 126 -13.55 -16.85 -12.34
C LYS C 126 -13.64 -16.65 -10.84
N ASP C 127 -13.71 -17.73 -10.08
CA ASP C 127 -13.81 -17.59 -8.63
C ASP C 127 -12.64 -18.32 -7.97
N LYS C 128 -11.43 -17.95 -8.37
CA LYS C 128 -10.17 -18.41 -7.80
C LYS C 128 -9.39 -17.22 -7.26
N LEU C 129 -8.33 -17.49 -6.51
CA LEU C 129 -7.41 -16.47 -6.07
C LEU C 129 -6.07 -16.67 -6.76
N LEU C 130 -5.40 -15.57 -7.09
CA LEU C 130 -4.11 -15.65 -7.77
C LEU C 130 -3.11 -14.77 -7.04
N SER C 131 -1.83 -15.09 -7.22
CA SER C 131 -0.75 -14.19 -6.85
C SER C 131 0.18 -14.10 -8.05
N SER C 132 1.04 -13.09 -8.06
CA SER C 132 1.98 -12.92 -9.17
C SER C 132 3.17 -13.86 -9.06
N TYR C 133 3.77 -14.19 -10.19
CA TYR C 133 4.95 -15.04 -10.15
C TYR C 133 5.63 -15.09 -11.51
N VAL C 134 6.88 -15.58 -11.50
CA VAL C 134 7.68 -15.83 -12.69
C VAL C 134 7.67 -17.32 -12.99
N SER C 135 7.64 -17.67 -14.26
CA SER C 135 7.48 -19.06 -14.66
C SER C 135 8.13 -19.30 -16.01
N LEU C 136 8.39 -20.57 -16.27
CA LEU C 136 8.87 -21.11 -17.53
C LEU C 136 7.73 -21.82 -18.24
N PRO C 137 7.91 -22.13 -19.51
CA PRO C 137 6.87 -22.88 -20.21
C PRO C 137 6.94 -24.35 -19.83
N LEU C 138 5.77 -24.99 -19.82
CA LEU C 138 5.67 -26.39 -19.41
C LEU C 138 5.54 -27.26 -20.67
N LYS C 139 6.50 -28.13 -20.89
CA LYS C 139 6.46 -28.96 -22.08
C LYS C 139 5.49 -30.11 -21.85
N ILE C 140 4.57 -30.31 -22.79
CA ILE C 140 3.66 -31.45 -22.79
C ILE C 140 3.55 -32.01 -24.20
N GLU C 141 4.38 -33.00 -24.50
CA GLU C 141 4.27 -33.78 -25.74
C GLU C 141 4.24 -32.86 -26.96
N ASN C 142 5.23 -31.96 -27.03
CA ASN C 142 5.45 -31.07 -28.17
C ASN C 142 4.42 -29.93 -28.23
N ARG C 143 3.92 -29.52 -27.08
CA ARG C 143 3.29 -28.22 -26.93
C ARG C 143 3.90 -27.60 -25.70
N GLU C 144 4.08 -26.28 -25.73
CA GLU C 144 4.62 -25.57 -24.59
C GLU C 144 3.54 -24.64 -24.05
N TYR C 145 3.37 -24.66 -22.73
CA TYR C 145 2.27 -23.96 -22.08
C TYR C 145 2.81 -22.98 -21.04
N PHE C 146 2.22 -21.79 -21.01
CA PHE C 146 2.32 -20.90 -19.86
C PHE C 146 1.12 -21.16 -18.97
N LEU C 147 1.36 -21.24 -17.66
CA LEU C 147 0.31 -21.56 -16.69
C LEU C 147 0.02 -20.34 -15.84
N ILE C 148 -1.27 -20.03 -15.72
CA ILE C 148 -1.79 -19.17 -14.66
C ILE C 148 -2.66 -20.06 -13.78
N CYS C 149 -2.30 -20.15 -12.51
CA CYS C 149 -2.91 -21.10 -11.62
C CYS C 149 -3.45 -20.36 -10.43
N GLY C 150 -4.59 -20.81 -9.94
CA GLY C 150 -5.20 -20.20 -8.78
C GLY C 150 -5.69 -21.25 -7.83
N VAL C 151 -6.16 -20.76 -6.70
CA VAL C 151 -6.57 -21.59 -5.57
C VAL C 151 -8.01 -21.22 -5.23
N SER C 152 -8.82 -22.23 -4.91
CA SER C 152 -10.18 -21.96 -4.49
C SER C 152 -10.17 -21.17 -3.19
N PRO C 153 -11.11 -20.26 -2.97
CA PRO C 153 -11.02 -19.35 -1.82
C PRO C 153 -11.36 -20.00 -0.49
N TYR C 154 -12.02 -21.16 -0.49
CA TYR C 154 -12.35 -21.93 0.72
C TYR C 154 -12.70 -21.03 1.91
N LYS C 155 -13.81 -20.30 1.79
CA LYS C 155 -14.37 -19.49 2.88
C LYS C 155 -13.33 -18.62 3.61
N LYS D 1 -14.45 -29.87 -7.47
CA LYS D 1 -14.23 -29.07 -6.27
C LYS D 1 -12.75 -28.98 -5.95
N ASP D 2 -11.90 -29.18 -6.95
CA ASP D 2 -10.47 -29.12 -6.72
C ASP D 2 -10.04 -27.75 -6.19
N ASP D 3 -9.02 -27.76 -5.34
CA ASP D 3 -8.56 -26.54 -4.70
C ASP D 3 -7.75 -25.68 -5.66
N ILE D 4 -6.88 -26.31 -6.43
CA ILE D 4 -6.00 -25.65 -7.38
C ILE D 4 -6.51 -25.89 -8.79
N LEU D 5 -6.50 -24.86 -9.61
CA LEU D 5 -6.91 -24.98 -11.01
C LEU D 5 -5.94 -24.17 -11.86
N CYS D 6 -5.65 -24.65 -13.06
CA CYS D 6 -4.82 -23.84 -13.95
C CYS D 6 -5.50 -23.60 -15.29
N MET D 7 -5.38 -22.37 -15.79
CA MET D 7 -5.57 -22.14 -17.21
C MET D 7 -4.23 -21.85 -17.86
N ALA D 8 -4.16 -22.11 -19.16
CA ALA D 8 -2.87 -22.21 -19.82
C ALA D 8 -2.98 -21.80 -21.28
N SER D 9 -1.89 -21.22 -21.78
CA SER D 9 -1.70 -20.81 -23.16
C SER D 9 -0.62 -21.64 -23.81
N HIS D 10 -0.85 -22.04 -25.07
CA HIS D 10 0.23 -22.68 -25.83
C HIS D 10 0.58 -21.87 -27.07
N ASP D 11 0.22 -20.59 -27.08
CA ASP D 11 0.56 -19.62 -28.11
C ASP D 11 1.20 -18.38 -27.48
N LYS D 12 2.12 -18.60 -26.56
CA LYS D 12 2.95 -17.54 -25.99
C LYS D 12 2.10 -16.49 -25.28
N GLY D 13 0.93 -16.87 -24.80
CA GLY D 13 0.11 -15.98 -24.02
C GLY D 13 -0.93 -15.21 -24.79
N GLU D 14 -1.17 -15.54 -26.05
CA GLU D 14 -2.17 -14.80 -26.82
C GLU D 14 -3.59 -15.25 -26.49
N THR D 15 -3.84 -16.56 -26.49
CA THR D 15 -5.11 -17.13 -26.05
C THR D 15 -4.90 -18.08 -24.87
N TRP D 16 -5.98 -18.40 -24.18
CA TRP D 16 -5.85 -19.07 -22.89
C TRP D 16 -6.96 -20.10 -22.71
N GLY D 17 -7.31 -20.78 -23.77
CA GLY D 17 -8.40 -21.72 -23.64
C GLY D 17 -8.05 -23.07 -23.09
N THR D 18 -6.87 -23.30 -22.51
CA THR D 18 -6.59 -24.65 -22.02
C THR D 18 -6.82 -24.71 -20.52
N LYS D 19 -7.56 -25.72 -20.10
CA LYS D 19 -7.79 -25.99 -18.69
C LYS D 19 -6.84 -27.12 -18.30
N ILE D 20 -6.16 -26.95 -17.18
CA ILE D 20 -5.24 -27.96 -16.65
C ILE D 20 -5.71 -28.31 -15.26
N VAL D 21 -6.23 -29.53 -15.12
CA VAL D 21 -6.74 -30.02 -13.86
C VAL D 21 -5.58 -30.40 -12.93
N ILE D 22 -5.68 -30.00 -11.67
CA ILE D 22 -4.70 -30.33 -10.63
C ILE D 22 -5.42 -31.03 -9.49
N LYS D 23 -5.18 -32.34 -9.34
CA LYS D 23 -5.77 -33.12 -8.24
C LYS D 23 -4.79 -33.16 -7.06
N TYR D 24 -5.23 -32.66 -5.91
CA TYR D 24 -4.39 -32.64 -4.71
C TYR D 24 -5.30 -32.83 -3.50
N ASP D 25 -5.30 -34.04 -2.95
CA ASP D 25 -6.05 -34.37 -1.75
C ASP D 25 -5.25 -33.98 -0.52
N ASN D 26 -5.57 -32.83 0.08
CA ASN D 26 -4.98 -32.40 1.34
C ASN D 26 -6.03 -32.52 2.44
N TYR D 27 -5.77 -33.38 3.41
CA TYR D 27 -6.72 -33.65 4.48
C TYR D 27 -6.70 -32.61 5.59
N LYS D 28 -5.74 -31.68 5.58
CA LYS D 28 -5.57 -30.76 6.69
C LYS D 28 -6.78 -29.85 6.85
N LEU D 29 -7.14 -29.63 8.11
CA LEU D 29 -8.43 -29.08 8.50
C LEU D 29 -8.27 -27.61 8.88
N GLY D 30 -9.04 -26.74 8.24
CA GLY D 30 -9.08 -25.34 8.62
C GLY D 30 -7.85 -24.55 8.20
N VAL D 31 -7.48 -24.69 6.92
CA VAL D 31 -6.27 -24.09 6.38
C VAL D 31 -6.54 -23.70 4.93
N GLN D 32 -5.76 -22.76 4.43
CA GLN D 32 -5.90 -22.24 3.07
C GLN D 32 -4.52 -22.03 2.48
N TYR D 33 -4.46 -22.06 1.15
CA TYR D 33 -3.24 -21.92 0.36
C TYR D 33 -3.03 -20.47 -0.04
N PHE D 34 -1.79 -20.00 0.01
CA PHE D 34 -1.48 -18.61 -0.29
C PHE D 34 -0.20 -18.54 -1.12
N PHE D 35 -0.12 -17.49 -1.95
CA PHE D 35 1.02 -17.25 -2.83
C PHE D 35 1.42 -18.51 -3.55
N LEU D 36 0.43 -19.25 -4.07
CA LEU D 36 0.69 -20.46 -4.83
C LEU D 36 1.42 -20.14 -6.13
N ARG D 37 2.48 -20.90 -6.44
CA ARG D 37 3.12 -20.71 -7.72
C ARG D 37 3.60 -22.05 -8.26
N PRO D 38 3.58 -22.25 -9.58
CA PRO D 38 4.12 -23.50 -10.12
C PRO D 38 5.65 -23.41 -10.19
N TYR D 39 6.32 -24.38 -9.58
CA TYR D 39 7.70 -24.65 -9.91
C TYR D 39 7.73 -25.66 -11.05
N ILE D 40 8.40 -25.31 -12.13
CA ILE D 40 8.40 -26.09 -13.36
C ILE D 40 9.84 -26.33 -13.79
N SER D 41 10.17 -27.58 -14.16
CA SER D 41 11.40 -27.85 -14.89
C SER D 41 11.15 -28.99 -15.87
N LYS D 42 11.39 -28.72 -17.15
CA LYS D 42 11.19 -29.69 -18.20
C LYS D 42 9.70 -30.02 -18.30
N ASN D 43 9.32 -31.29 -18.17
CA ASN D 43 7.91 -31.69 -18.14
C ASN D 43 7.42 -31.88 -16.72
N ASP D 44 8.16 -31.38 -15.74
CA ASP D 44 7.88 -31.65 -14.35
C ASP D 44 7.20 -30.44 -13.73
N LEU D 45 6.05 -30.68 -13.13
CA LEU D 45 5.21 -29.66 -12.55
C LEU D 45 5.10 -29.88 -11.04
N SER D 46 5.42 -28.84 -10.29
CA SER D 46 5.28 -28.84 -8.85
C SER D 46 4.68 -27.51 -8.44
N PHE D 47 4.19 -27.42 -7.21
CA PHE D 47 3.77 -26.13 -6.70
C PHE D 47 4.39 -25.82 -5.34
N HIS D 48 4.58 -24.52 -5.12
CA HIS D 48 5.12 -23.97 -3.88
C HIS D 48 4.09 -23.01 -3.33
N PHE D 49 3.69 -23.20 -2.07
CA PHE D 49 2.70 -22.29 -1.54
C PHE D 49 2.78 -22.29 -0.03
N TYR D 50 2.19 -21.27 0.56
CA TYR D 50 2.06 -21.18 2.01
C TYR D 50 0.74 -21.76 2.48
N VAL D 51 0.74 -22.34 3.66
CA VAL D 51 -0.48 -22.78 4.28
C VAL D 51 -0.69 -21.95 5.53
N GLY D 52 -1.96 -21.72 5.86
CA GLY D 52 -2.25 -21.17 7.17
C GLY D 52 -3.71 -20.81 7.23
N ASP D 53 -4.14 -20.38 8.42
CA ASP D 53 -5.33 -19.56 8.46
C ASP D 53 -4.98 -18.20 7.84
N ASN D 54 -6.00 -17.43 7.51
CA ASN D 54 -5.90 -16.48 6.40
C ASN D 54 -4.77 -15.47 6.59
N ILE D 55 -4.32 -14.90 5.45
CA ILE D 55 -2.99 -14.31 5.27
C ILE D 55 -2.57 -13.34 6.35
N ASN D 56 -1.29 -12.97 6.30
CA ASN D 56 -0.55 -12.19 7.29
C ASN D 56 -0.03 -13.13 8.37
N ASN D 57 -0.77 -14.21 8.67
CA ASN D 57 -0.27 -15.23 9.58
C ASN D 57 -0.07 -16.52 8.80
N VAL D 58 0.69 -16.44 7.71
CA VAL D 58 1.11 -17.60 6.95
C VAL D 58 2.52 -17.95 7.39
N LYS D 59 2.71 -19.17 7.74
CA LYS D 59 4.07 -19.45 8.15
C LYS D 59 4.66 -20.63 7.41
N ASN D 60 3.90 -21.70 7.23
CA ASN D 60 4.44 -22.96 6.73
C ASN D 60 4.46 -22.96 5.21
N VAL D 61 5.59 -23.36 4.66
CA VAL D 61 5.76 -23.61 3.24
C VAL D 61 5.43 -25.07 2.95
N ASN D 62 4.59 -25.29 1.97
CA ASN D 62 4.36 -26.60 1.38
C ASN D 62 4.85 -26.62 -0.08
N PHE D 63 5.29 -27.80 -0.50
CA PHE D 63 5.81 -28.06 -1.82
C PHE D 63 5.24 -29.41 -2.27
N ILE D 64 4.44 -29.42 -3.33
CA ILE D 64 3.89 -30.66 -3.85
C ILE D 64 4.47 -30.96 -5.22
N GLU D 65 4.76 -32.25 -5.45
CA GLU D 65 5.22 -32.76 -6.74
C GLU D 65 4.06 -33.37 -7.50
N CYS D 66 4.08 -33.24 -8.82
CA CYS D 66 2.99 -33.74 -9.65
C CYS D 66 3.49 -34.66 -10.75
N THR D 67 2.57 -35.49 -11.21
CA THR D 67 2.82 -36.36 -12.35
C THR D 67 1.58 -36.35 -13.22
N HIS D 68 1.70 -36.87 -14.43
CA HIS D 68 0.54 -36.91 -15.30
C HIS D 68 -0.42 -38.03 -14.90
N GLU D 69 -1.70 -37.68 -14.86
CA GLU D 69 -2.79 -38.63 -15.05
C GLU D 69 -3.20 -38.63 -16.52
N LYS D 70 -3.54 -37.46 -17.06
CA LYS D 70 -3.79 -37.29 -18.48
C LYS D 70 -2.83 -36.24 -19.02
N ASP D 71 -2.83 -36.07 -20.35
CA ASP D 71 -1.99 -35.03 -20.94
C ASP D 71 -2.27 -33.69 -20.30
N LEU D 72 -3.52 -33.41 -19.95
CA LEU D 72 -3.84 -32.13 -19.31
C LEU D 72 -4.28 -32.30 -17.86
N GLU D 73 -3.96 -33.42 -17.20
CA GLU D 73 -4.44 -33.66 -15.84
C GLU D 73 -3.30 -34.17 -14.97
N PHE D 74 -3.04 -33.47 -13.88
CA PHE D 74 -1.99 -33.88 -12.95
C PHE D 74 -2.57 -34.31 -11.61
N VAL D 75 -1.81 -35.17 -10.92
CA VAL D 75 -2.04 -35.56 -9.55
C VAL D 75 -0.78 -35.23 -8.78
N CYS D 76 -0.93 -34.58 -7.64
CA CYS D 76 0.20 -34.03 -6.91
C CYS D 76 0.25 -34.63 -5.51
N SER D 77 1.46 -34.93 -5.06
CA SER D 77 1.69 -35.46 -3.73
C SER D 77 2.57 -34.50 -2.94
N ASN D 78 2.34 -34.43 -1.65
CA ASN D 78 3.15 -33.56 -0.82
C ASN D 78 4.56 -34.12 -0.69
N ARG D 79 5.55 -33.25 -0.71
CA ARG D 79 6.96 -33.64 -0.70
C ARG D 79 7.57 -33.04 0.57
N ASP D 80 8.13 -33.92 1.40
CA ASP D 80 8.46 -33.61 2.78
C ASP D 80 9.91 -33.12 2.86
N PHE D 81 10.08 -31.84 3.21
CA PHE D 81 11.40 -31.25 3.46
C PHE D 81 11.62 -30.88 4.94
N LEU D 82 10.73 -31.28 5.84
CA LEU D 82 10.81 -30.86 7.22
C LEU D 82 12.14 -31.27 7.84
N LYS D 83 12.82 -30.30 8.45
CA LYS D 83 14.01 -30.54 9.26
C LYS D 83 13.79 -30.00 10.67
N ASP D 84 14.23 -30.76 11.66
CA ASP D 84 14.11 -30.27 13.03
C ASP D 84 14.81 -28.92 13.18
N ASN D 85 14.17 -28.02 13.93
CA ASN D 85 14.69 -26.69 14.26
C ASN D 85 15.10 -25.87 13.04
N LYS D 86 14.35 -25.99 11.94
CA LYS D 86 14.51 -25.08 10.82
C LYS D 86 13.14 -24.85 10.17
N VAL D 87 13.00 -23.76 9.42
CA VAL D 87 11.75 -23.42 8.73
C VAL D 87 11.98 -23.49 7.23
N LEU D 88 11.17 -24.28 6.55
CA LEU D 88 11.32 -24.44 5.12
C LEU D 88 11.04 -23.12 4.42
N GLN D 89 11.88 -22.79 3.43
CA GLN D 89 11.77 -21.50 2.77
C GLN D 89 11.61 -21.66 1.26
N ASP D 90 12.68 -21.93 0.53
CA ASP D 90 12.50 -22.01 -0.90
C ASP D 90 12.95 -23.34 -1.45
N VAL D 91 12.43 -23.70 -2.64
CA VAL D 91 12.78 -24.95 -3.30
C VAL D 91 13.20 -24.67 -4.73
N SER D 92 14.19 -25.40 -5.20
CA SER D 92 14.60 -25.36 -6.61
C SER D 92 15.29 -26.67 -6.94
N THR D 93 15.79 -26.76 -8.17
CA THR D 93 16.47 -27.97 -8.61
C THR D 93 17.80 -27.60 -9.26
N LEU D 94 18.78 -28.47 -9.09
CA LEU D 94 20.08 -28.43 -9.76
C LEU D 94 20.42 -29.86 -10.13
N ASN D 95 20.59 -30.10 -11.43
CA ASN D 95 21.03 -31.41 -11.91
C ASN D 95 20.08 -32.51 -11.46
N ASP D 96 18.78 -32.24 -11.53
CA ASP D 96 17.69 -33.13 -11.13
C ASP D 96 17.59 -33.38 -9.63
N GLU D 97 18.50 -32.86 -8.83
CA GLU D 97 18.33 -32.97 -7.39
C GLU D 97 17.71 -31.67 -6.88
N TYR D 98 17.06 -31.74 -5.73
CA TYR D 98 16.52 -30.52 -5.16
C TYR D 98 17.61 -29.76 -4.45
N ILE D 99 17.43 -28.45 -4.40
CA ILE D 99 18.21 -27.54 -3.60
C ILE D 99 17.21 -26.73 -2.80
N VAL D 100 17.37 -26.71 -1.49
CA VAL D 100 16.30 -26.28 -0.58
C VAL D 100 16.89 -25.29 0.42
N SER D 101 16.17 -24.20 0.66
CA SER D 101 16.60 -23.23 1.66
C SER D 101 15.64 -23.24 2.85
N TYR D 102 16.25 -23.15 4.05
CA TYR D 102 15.59 -23.12 5.34
C TYR D 102 16.04 -21.91 6.14
N GLY D 103 15.22 -21.52 7.10
CA GLY D 103 15.68 -20.59 8.11
C GLY D 103 15.84 -21.25 9.46
N ASN D 104 16.67 -20.68 10.34
CA ASN D 104 16.89 -21.23 11.67
C ASN D 104 15.61 -21.25 12.50
N ASP D 105 14.74 -20.30 12.23
CA ASP D 105 13.37 -20.23 12.73
C ASP D 105 12.70 -19.12 11.93
N ASN D 106 11.48 -18.72 12.35
CA ASN D 106 10.67 -17.79 11.56
C ASN D 106 11.16 -16.35 11.60
N ASN D 107 12.21 -16.03 12.37
CA ASN D 107 12.81 -14.70 12.28
C ASN D 107 13.93 -14.63 11.26
N PHE D 108 14.42 -15.79 10.78
CA PHE D 108 15.36 -15.87 9.66
C PHE D 108 16.62 -15.05 9.92
N ALA D 109 17.29 -15.35 11.03
CA ALA D 109 18.54 -14.66 11.32
C ALA D 109 19.68 -15.23 10.51
N GLU D 110 19.69 -16.56 10.31
CA GLU D 110 20.55 -17.24 9.36
C GLU D 110 19.69 -18.15 8.50
N CYS D 111 20.19 -18.46 7.30
CA CYS D 111 19.54 -19.41 6.41
C CYS D 111 20.53 -20.51 6.05
N TYR D 112 20.02 -21.72 5.86
CA TYR D 112 20.83 -22.85 5.42
C TYR D 112 20.37 -23.28 4.04
N ILE D 113 21.32 -23.67 3.17
CA ILE D 113 21.03 -24.25 1.87
C ILE D 113 21.45 -25.72 1.86
N PHE D 114 20.52 -26.62 1.51
CA PHE D 114 20.82 -28.04 1.41
C PHE D 114 20.74 -28.50 -0.04
N PHE D 115 21.77 -29.24 -0.45
CA PHE D 115 21.84 -29.79 -1.79
C PHE D 115 21.50 -31.25 -1.64
N ASN D 116 20.33 -31.63 -2.17
CA ASN D 116 19.91 -33.02 -2.26
C ASN D 116 19.83 -33.68 -0.87
N ASN D 117 19.48 -32.88 0.15
CA ASN D 117 19.49 -33.26 1.57
C ASN D 117 20.78 -33.97 1.99
N GLU D 118 21.89 -33.64 1.34
CA GLU D 118 23.17 -34.26 1.62
C GLU D 118 24.30 -33.27 1.92
N ASN D 119 24.33 -32.11 1.26
CA ASN D 119 25.40 -31.14 1.51
C ASN D 119 24.81 -29.82 1.98
N SER D 120 25.47 -29.13 2.90
CA SER D 120 24.80 -27.97 3.49
C SER D 120 25.71 -26.76 3.59
N ILE D 121 25.15 -25.59 3.33
CA ILE D 121 25.88 -24.33 3.35
C ILE D 121 25.16 -23.39 4.31
N LEU D 122 25.94 -22.62 5.07
CA LEU D 122 25.38 -21.60 5.96
C LEU D 122 25.46 -20.21 5.35
N ILE D 123 24.36 -19.47 5.43
CA ILE D 123 24.32 -18.07 5.04
C ILE D 123 23.95 -17.24 6.26
N LYS D 124 24.84 -16.34 6.63
CA LYS D 124 24.73 -15.57 7.87
C LYS D 124 24.94 -14.10 7.55
N PRO D 125 23.87 -13.31 7.45
CA PRO D 125 24.01 -11.88 7.13
C PRO D 125 24.45 -11.06 8.33
N GLU D 126 25.09 -9.92 8.06
CA GLU D 126 25.55 -9.04 9.14
C GLU D 126 25.64 -7.58 8.72
N LYS D 127 25.36 -6.69 9.67
CA LYS D 127 25.70 -5.27 9.59
C LYS D 127 25.34 -4.56 10.91
N THR D 132 21.29 -4.37 11.73
CA THR D 132 20.79 -5.72 11.99
C THR D 132 19.88 -6.19 10.85
N ALA D 133 20.14 -7.39 10.34
CA ALA D 133 19.46 -7.84 9.15
C ALA D 133 19.27 -9.35 9.19
N GLY D 134 18.27 -9.82 8.44
CA GLY D 134 18.00 -11.24 8.32
C GLY D 134 17.86 -11.65 6.86
N CYS D 135 17.68 -12.94 6.66
CA CYS D 135 17.49 -13.48 5.32
C CYS D 135 16.03 -13.79 5.01
N TYR D 136 15.11 -13.02 5.61
CA TYR D 136 13.69 -13.19 5.32
C TYR D 136 13.39 -12.90 3.85
N GLY D 137 12.71 -13.83 3.21
CA GLY D 137 12.30 -13.65 1.84
C GLY D 137 13.31 -14.12 0.83
N GLY D 138 14.33 -14.83 1.27
CA GLY D 138 15.31 -15.34 0.33
C GLY D 138 14.66 -16.25 -0.70
N THR D 139 15.09 -16.11 -1.96
CA THR D 139 14.57 -16.91 -3.07
C THR D 139 15.72 -17.37 -3.94
N PHE D 140 15.62 -18.59 -4.46
CA PHE D 140 16.48 -19.00 -5.55
C PHE D 140 16.04 -18.37 -6.86
N VAL D 141 17.03 -18.04 -7.69
CA VAL D 141 16.85 -17.53 -9.04
C VAL D 141 17.85 -18.33 -9.87
N LYS D 142 17.38 -19.41 -10.50
CA LYS D 142 18.27 -20.38 -11.13
C LYS D 142 18.93 -19.82 -12.38
N ILE D 143 20.23 -20.10 -12.55
CA ILE D 143 20.97 -19.64 -13.72
C ILE D 143 21.05 -20.76 -14.74
N ASP D 144 21.65 -21.87 -14.33
CA ASP D 144 21.60 -23.10 -15.11
C ASP D 144 21.64 -24.30 -14.17
N GLU D 145 22.12 -25.44 -14.65
CA GLU D 145 22.10 -26.67 -13.85
C GLU D 145 23.24 -26.77 -12.84
N GLN D 146 24.16 -25.82 -12.84
CA GLN D 146 25.20 -25.80 -11.83
C GLN D 146 25.23 -24.51 -11.00
N ARG D 147 24.45 -23.50 -11.38
CA ARG D 147 24.59 -22.19 -10.76
C ARG D 147 23.21 -21.65 -10.48
N THR D 148 23.01 -21.13 -9.27
CA THR D 148 21.79 -20.42 -8.97
C THR D 148 22.12 -19.27 -8.05
N LEU D 149 21.23 -18.29 -8.00
CA LEU D 149 21.39 -17.19 -7.07
C LEU D 149 20.42 -17.41 -5.92
N PHE D 150 20.80 -16.98 -4.73
CA PHE D 150 19.92 -16.91 -3.55
C PHE D 150 19.91 -15.44 -3.12
N ILE D 151 18.75 -14.80 -3.18
CA ILE D 151 18.65 -13.35 -3.04
C ILE D 151 17.74 -12.99 -1.87
N TYR D 152 18.21 -12.03 -1.08
CA TYR D 152 17.37 -11.42 -0.05
C TYR D 152 17.76 -9.95 0.04
N SER D 153 16.91 -9.14 0.67
CA SER D 153 17.11 -7.69 0.65
C SER D 153 17.03 -7.11 2.04
N SER D 154 17.82 -6.06 2.28
CA SER D 154 17.68 -5.25 3.47
C SER D 154 16.57 -4.23 3.26
N SER D 155 16.36 -3.37 4.26
CA SER D 155 15.22 -2.47 4.21
C SER D 155 15.43 -1.37 3.17
N GLN D 156 16.64 -0.83 3.09
CA GLN D 156 16.85 0.35 2.27
C GLN D 156 16.71 0.06 0.78
N GLY D 157 16.75 -1.19 0.38
CA GLY D 157 16.91 -1.51 -1.02
C GLY D 157 18.34 -1.97 -1.22
N ILE D 158 18.80 -2.81 -0.30
CA ILE D 158 20.12 -3.40 -0.34
C ILE D 158 19.91 -4.89 -0.63
N TYR D 159 20.15 -5.30 -1.87
CA TYR D 159 19.98 -6.69 -2.26
C TYR D 159 21.27 -7.44 -2.00
N ASN D 160 21.23 -8.38 -1.07
CA ASN D 160 22.30 -9.37 -0.94
C ASN D 160 22.06 -10.48 -1.95
N ILE D 161 23.03 -10.66 -2.84
CA ILE D 161 22.99 -11.63 -3.94
C ILE D 161 24.07 -12.67 -3.71
N HIS D 162 23.66 -13.89 -3.38
CA HIS D 162 24.57 -15.01 -3.24
C HIS D 162 24.57 -15.80 -4.53
N THR D 163 25.74 -15.96 -5.14
CA THR D 163 25.89 -16.78 -6.32
C THR D 163 26.47 -18.13 -5.90
N ILE D 164 25.76 -19.20 -6.25
CA ILE D 164 26.03 -20.54 -5.76
C ILE D 164 26.40 -21.42 -6.94
N TYR D 165 27.61 -21.96 -6.92
CA TYR D 165 28.03 -22.95 -7.89
C TYR D 165 28.06 -24.30 -7.18
N TYR D 166 27.44 -25.31 -7.79
CA TYR D 166 27.36 -26.61 -7.15
C TYR D 166 27.40 -27.70 -8.19
N ALA D 167 28.17 -28.75 -7.91
CA ALA D 167 28.21 -29.90 -8.80
C ALA D 167 28.51 -31.16 -8.01
N ASN D 168 27.73 -32.20 -8.25
CA ASN D 168 27.91 -33.49 -7.62
C ASN D 168 28.15 -34.55 -8.68
N TYR D 169 28.97 -35.53 -8.33
CA TYR D 169 29.38 -36.58 -9.27
C TYR D 169 29.40 -37.94 -8.60
N GLU D 170 29.11 -38.97 -9.39
CA GLU D 170 29.16 -40.36 -8.94
C GLU D 170 29.91 -41.18 -9.98
#